data_1ZVG
# 
_entry.id   1ZVG 
# 
_audit_conform.dict_name       mmcif_pdbx.dic 
_audit_conform.dict_version    5.397 
_audit_conform.dict_location   http://mmcif.pdb.org/dictionaries/ascii/mmcif_pdbx.dic 
# 
loop_
_database_2.database_id 
_database_2.database_code 
_database_2.pdbx_database_accession 
_database_2.pdbx_DOI 
PDB   1ZVG         pdb_00001zvg 10.2210/pdb1zvg/pdb 
RCSB  RCSB033167   ?            ?                   
WWPDB D_1000033167 ?            ?                   
# 
loop_
_pdbx_audit_revision_history.ordinal 
_pdbx_audit_revision_history.data_content_type 
_pdbx_audit_revision_history.major_revision 
_pdbx_audit_revision_history.minor_revision 
_pdbx_audit_revision_history.revision_date 
1 'Structure model' 1 0 2006-06-20 
2 'Structure model' 1 1 2008-04-30 
3 'Structure model' 1 2 2011-07-13 
4 'Structure model' 1 3 2021-11-10 
5 'Structure model' 1 4 2023-10-25 
6 'Structure model' 1 5 2024-10-16 
# 
_pdbx_audit_revision_details.ordinal             1 
_pdbx_audit_revision_details.revision_ordinal    1 
_pdbx_audit_revision_details.data_content_type   'Structure model' 
_pdbx_audit_revision_details.provider            repository 
_pdbx_audit_revision_details.type                'Initial release' 
_pdbx_audit_revision_details.description         ? 
_pdbx_audit_revision_details.details             ? 
# 
loop_
_pdbx_audit_revision_group.ordinal 
_pdbx_audit_revision_group.revision_ordinal 
_pdbx_audit_revision_group.data_content_type 
_pdbx_audit_revision_group.group 
1 2 'Structure model' 'Version format compliance' 
2 3 'Structure model' 'Version format compliance' 
3 4 'Structure model' 'Database references'       
4 5 'Structure model' 'Data collection'           
5 5 'Structure model' 'Refinement description'    
6 6 'Structure model' 'Structure summary'         
# 
loop_
_pdbx_audit_revision_category.ordinal 
_pdbx_audit_revision_category.revision_ordinal 
_pdbx_audit_revision_category.data_content_type 
_pdbx_audit_revision_category.category 
1 4 'Structure model' database_2                    
2 4 'Structure model' struct_ref_seq_dif            
3 5 'Structure model' chem_comp_atom                
4 5 'Structure model' chem_comp_bond                
5 5 'Structure model' pdbx_initial_refinement_model 
6 6 'Structure model' pdbx_entry_details            
7 6 'Structure model' pdbx_modification_feature     
# 
loop_
_pdbx_audit_revision_item.ordinal 
_pdbx_audit_revision_item.revision_ordinal 
_pdbx_audit_revision_item.data_content_type 
_pdbx_audit_revision_item.item 
1 4 'Structure model' '_database_2.pdbx_DOI'                
2 4 'Structure model' '_database_2.pdbx_database_accession' 
3 4 'Structure model' '_struct_ref_seq_dif.details'         
# 
_pdbx_database_status.status_code                     REL 
_pdbx_database_status.entry_id                        1ZVG 
_pdbx_database_status.recvd_initial_deposition_date   2005-06-02 
_pdbx_database_status.deposit_site                    RCSB 
_pdbx_database_status.process_site                    PDBJ 
_pdbx_database_status.status_code_sf                  REL 
_pdbx_database_status.status_code_mr                  ? 
_pdbx_database_status.SG_entry                        ? 
_pdbx_database_status.pdb_format_compatible           Y 
_pdbx_database_status.status_code_cs                  ? 
_pdbx_database_status.status_code_nmr_data            ? 
_pdbx_database_status.methods_development_category    ? 
# 
loop_
_pdbx_database_related.db_name 
_pdbx_database_related.db_id 
_pdbx_database_related.details 
_pdbx_database_related.content_type 
PDB 1ZU3 'Mutant K8A'               unspecified 
PDB 1ZUT 'Mutant K8D, P9S and R58K' unspecified 
PDB 1ZVE 'Mutant K8G'               unspecified 
# 
loop_
_audit_author.name 
_audit_author.pdbx_ordinal 
'Ye, X.'      1 
'Bosmans, F.' 2 
'Li, C.'      3 
'Zhang, Y.'   4 
'Wang, D.C.'  5 
'Tytgat, J.'  6 
# 
_citation.id                        primary 
_citation.title                     
'Structural basis for the voltage-gated Na+ channel selectivity of the scorpion alpha-like toxin BmK M1' 
_citation.journal_abbrev            J.Mol.Biol. 
_citation.journal_volume            353 
_citation.page_first                788 
_citation.page_last                 803 
_citation.year                      2005 
_citation.journal_id_ASTM           JMOBAK 
_citation.country                   UK 
_citation.journal_id_ISSN           0022-2836 
_citation.journal_id_CSD            0070 
_citation.book_publisher            ? 
_citation.pdbx_database_id_PubMed   16209876 
_citation.pdbx_database_id_DOI      10.1016/j.jmb.2005.08.068 
# 
loop_
_citation_author.citation_id 
_citation_author.name 
_citation_author.ordinal 
_citation_author.identifier_ORCID 
primary 'Ye, X.'      1 ? 
primary 'Bosmans, F.' 2 ? 
primary 'Li, C.'      3 ? 
primary 'Zhang, Y.'   4 ? 
primary 'Wang, D.C.'  5 ? 
primary 'Tytgat, J.'  6 ? 
# 
loop_
_entity.id 
_entity.type 
_entity.src_method 
_entity.pdbx_description 
_entity.formula_weight 
_entity.pdbx_number_of_molecules 
_entity.pdbx_ec 
_entity.pdbx_mutation 
_entity.pdbx_fragment 
_entity.details 
1 polymer man 'Alpha-like neurotoxin BmK-I' 7412.327 1   ? 'K10D, P11S' ? ? 
2 water   nat water                         18.015   103 ? ?            ? ? 
# 
_entity_name_com.entity_id   1 
_entity_name_com.name        'BmK I, BmKI, BmK1, BmK-M1, Bmk M1, BmKM1' 
# 
_entity_poly.entity_id                      1 
_entity_poly.type                           'polypeptide(L)' 
_entity_poly.nstd_linkage                   no 
_entity_poly.nstd_monomer                   no 
_entity_poly.pdbx_seq_one_letter_code       NSVRDAYIADSHNCVYECARNEYCNDLCTKNGAKSGYCQWVGKYGNGCWCIELPDNVPIRVPGKCH 
_entity_poly.pdbx_seq_one_letter_code_can   NSVRDAYIADSHNCVYECARNEYCNDLCTKNGAKSGYCQWVGKYGNGCWCIELPDNVPIRVPGKCH 
_entity_poly.pdbx_strand_id                 A 
_entity_poly.pdbx_target_identifier         ? 
# 
_pdbx_entity_nonpoly.entity_id   2 
_pdbx_entity_nonpoly.name        water 
_pdbx_entity_nonpoly.comp_id     HOH 
# 
loop_
_entity_poly_seq.entity_id 
_entity_poly_seq.num 
_entity_poly_seq.mon_id 
_entity_poly_seq.hetero 
1 1  ASN n 
1 2  SER n 
1 3  VAL n 
1 4  ARG n 
1 5  ASP n 
1 6  ALA n 
1 7  TYR n 
1 8  ILE n 
1 9  ALA n 
1 10 ASP n 
1 11 SER n 
1 12 HIS n 
1 13 ASN n 
1 14 CYS n 
1 15 VAL n 
1 16 TYR n 
1 17 GLU n 
1 18 CYS n 
1 19 ALA n 
1 20 ARG n 
1 21 ASN n 
1 22 GLU n 
1 23 TYR n 
1 24 CYS n 
1 25 ASN n 
1 26 ASP n 
1 27 LEU n 
1 28 CYS n 
1 29 THR n 
1 30 LYS n 
1 31 ASN n 
1 32 GLY n 
1 33 ALA n 
1 34 LYS n 
1 35 SER n 
1 36 GLY n 
1 37 TYR n 
1 38 CYS n 
1 39 GLN n 
1 40 TRP n 
1 41 VAL n 
1 42 GLY n 
1 43 LYS n 
1 44 TYR n 
1 45 GLY n 
1 46 ASN n 
1 47 GLY n 
1 48 CYS n 
1 49 TRP n 
1 50 CYS n 
1 51 ILE n 
1 52 GLU n 
1 53 LEU n 
1 54 PRO n 
1 55 ASP n 
1 56 ASN n 
1 57 VAL n 
1 58 PRO n 
1 59 ILE n 
1 60 ARG n 
1 61 VAL n 
1 62 PRO n 
1 63 GLY n 
1 64 LYS n 
1 65 CYS n 
1 66 HIS n 
# 
_entity_src_gen.entity_id                          1 
_entity_src_gen.pdbx_src_id                        1 
_entity_src_gen.pdbx_alt_source_flag               sample 
_entity_src_gen.pdbx_seq_type                      ? 
_entity_src_gen.pdbx_beg_seq_num                   ? 
_entity_src_gen.pdbx_end_seq_num                   ? 
_entity_src_gen.gene_src_common_name               'Chinese scorpion' 
_entity_src_gen.gene_src_genus                     Mesobuthus 
_entity_src_gen.pdbx_gene_src_gene                 'BMK M1' 
_entity_src_gen.gene_src_species                   ? 
_entity_src_gen.gene_src_strain                    ? 
_entity_src_gen.gene_src_tissue                    ? 
_entity_src_gen.gene_src_tissue_fraction           ? 
_entity_src_gen.gene_src_details                   ? 
_entity_src_gen.pdbx_gene_src_fragment             ? 
_entity_src_gen.pdbx_gene_src_scientific_name      'Mesobuthus martensii' 
_entity_src_gen.pdbx_gene_src_ncbi_taxonomy_id     34649 
_entity_src_gen.pdbx_gene_src_variant              ? 
_entity_src_gen.pdbx_gene_src_cell_line            ? 
_entity_src_gen.pdbx_gene_src_atcc                 ? 
_entity_src_gen.pdbx_gene_src_organ                ? 
_entity_src_gen.pdbx_gene_src_organelle            ? 
_entity_src_gen.pdbx_gene_src_cell                 ? 
_entity_src_gen.pdbx_gene_src_cellular_location    ? 
_entity_src_gen.host_org_common_name               
;baker's yeast
;
_entity_src_gen.pdbx_host_org_scientific_name      'Saccharomyces cerevisiae' 
_entity_src_gen.pdbx_host_org_ncbi_taxonomy_id     4932 
_entity_src_gen.host_org_genus                     Saccharomyces 
_entity_src_gen.pdbx_host_org_gene                 ? 
_entity_src_gen.pdbx_host_org_organ                ? 
_entity_src_gen.host_org_species                   ? 
_entity_src_gen.pdbx_host_org_tissue               ? 
_entity_src_gen.pdbx_host_org_tissue_fraction      ? 
_entity_src_gen.pdbx_host_org_strain               S-78 
_entity_src_gen.pdbx_host_org_variant              ? 
_entity_src_gen.pdbx_host_org_cell_line            ? 
_entity_src_gen.pdbx_host_org_atcc                 ? 
_entity_src_gen.pdbx_host_org_culture_collection   ? 
_entity_src_gen.pdbx_host_org_cell                 ? 
_entity_src_gen.pdbx_host_org_organelle            ? 
_entity_src_gen.pdbx_host_org_cellular_location    ? 
_entity_src_gen.pdbx_host_org_vector_type          PLASMID 
_entity_src_gen.pdbx_host_org_vector               ? 
_entity_src_gen.host_org_details                   ? 
_entity_src_gen.expression_system_id               ? 
_entity_src_gen.plasmid_name                       'PVT 102U-ALPHA' 
_entity_src_gen.plasmid_details                    ? 
_entity_src_gen.pdbx_description                   ? 
# 
loop_
_chem_comp.id 
_chem_comp.type 
_chem_comp.mon_nstd_flag 
_chem_comp.name 
_chem_comp.pdbx_synonyms 
_chem_comp.formula 
_chem_comp.formula_weight 
ALA 'L-peptide linking' y ALANINE         ? 'C3 H7 N O2'     89.093  
ARG 'L-peptide linking' y ARGININE        ? 'C6 H15 N4 O2 1' 175.209 
ASN 'L-peptide linking' y ASPARAGINE      ? 'C4 H8 N2 O3'    132.118 
ASP 'L-peptide linking' y 'ASPARTIC ACID' ? 'C4 H7 N O4'     133.103 
CYS 'L-peptide linking' y CYSTEINE        ? 'C3 H7 N O2 S'   121.158 
GLN 'L-peptide linking' y GLUTAMINE       ? 'C5 H10 N2 O3'   146.144 
GLU 'L-peptide linking' y 'GLUTAMIC ACID' ? 'C5 H9 N O4'     147.129 
GLY 'peptide linking'   y GLYCINE         ? 'C2 H5 N O2'     75.067  
HIS 'L-peptide linking' y HISTIDINE       ? 'C6 H10 N3 O2 1' 156.162 
HOH non-polymer         . WATER           ? 'H2 O'           18.015  
ILE 'L-peptide linking' y ISOLEUCINE      ? 'C6 H13 N O2'    131.173 
LEU 'L-peptide linking' y LEUCINE         ? 'C6 H13 N O2'    131.173 
LYS 'L-peptide linking' y LYSINE          ? 'C6 H15 N2 O2 1' 147.195 
PRO 'L-peptide linking' y PROLINE         ? 'C5 H9 N O2'     115.130 
SER 'L-peptide linking' y SERINE          ? 'C3 H7 N O3'     105.093 
THR 'L-peptide linking' y THREONINE       ? 'C4 H9 N O3'     119.119 
TRP 'L-peptide linking' y TRYPTOPHAN      ? 'C11 H12 N2 O2'  204.225 
TYR 'L-peptide linking' y TYROSINE        ? 'C9 H11 N O3'    181.189 
VAL 'L-peptide linking' y VALINE          ? 'C5 H11 N O2'    117.146 
# 
loop_
_pdbx_poly_seq_scheme.asym_id 
_pdbx_poly_seq_scheme.entity_id 
_pdbx_poly_seq_scheme.seq_id 
_pdbx_poly_seq_scheme.mon_id 
_pdbx_poly_seq_scheme.ndb_seq_num 
_pdbx_poly_seq_scheme.pdb_seq_num 
_pdbx_poly_seq_scheme.auth_seq_num 
_pdbx_poly_seq_scheme.pdb_mon_id 
_pdbx_poly_seq_scheme.auth_mon_id 
_pdbx_poly_seq_scheme.pdb_strand_id 
_pdbx_poly_seq_scheme.pdb_ins_code 
_pdbx_poly_seq_scheme.hetero 
A 1 1  ASN 1  1  1  ASN ASN A . n 
A 1 2  SER 2  2  2  SER SER A . n 
A 1 3  VAL 3  3  3  VAL VAL A . n 
A 1 4  ARG 4  4  4  ARG ARG A . n 
A 1 5  ASP 5  5  5  ASP ASP A . n 
A 1 6  ALA 6  6  6  ALA ALA A . n 
A 1 7  TYR 7  7  7  TYR TYR A . n 
A 1 8  ILE 8  8  8  ILE ILE A . n 
A 1 9  ALA 9  9  9  ALA ALA A . n 
A 1 10 ASP 10 10 10 ASP ASP A . n 
A 1 11 SER 11 11 11 SER SER A . n 
A 1 12 HIS 12 12 12 HIS HIS A . n 
A 1 13 ASN 13 13 13 ASN ASN A . n 
A 1 14 CYS 14 14 14 CYS CYS A . n 
A 1 15 VAL 15 15 15 VAL VAL A . n 
A 1 16 TYR 16 16 16 TYR TYR A . n 
A 1 17 GLU 17 17 17 GLU GLU A . n 
A 1 18 CYS 18 18 18 CYS CYS A . n 
A 1 19 ALA 19 19 19 ALA ALA A . n 
A 1 20 ARG 20 20 20 ARG ARG A . n 
A 1 21 ASN 21 21 21 ASN ASN A . n 
A 1 22 GLU 22 22 22 GLU GLU A . n 
A 1 23 TYR 23 23 23 TYR TYR A . n 
A 1 24 CYS 24 24 24 CYS CYS A . n 
A 1 25 ASN 25 25 25 ASN ASN A . n 
A 1 26 ASP 26 26 26 ASP ASP A . n 
A 1 27 LEU 27 27 27 LEU LEU A . n 
A 1 28 CYS 28 28 28 CYS CYS A . n 
A 1 29 THR 29 29 29 THR THR A . n 
A 1 30 LYS 30 30 30 LYS LYS A . n 
A 1 31 ASN 31 31 31 ASN ASN A . n 
A 1 32 GLY 32 32 32 GLY GLY A . n 
A 1 33 ALA 33 33 33 ALA ALA A . n 
A 1 34 LYS 34 34 34 LYS LYS A . n 
A 1 35 SER 35 35 35 SER SER A . n 
A 1 36 GLY 36 36 36 GLY GLY A . n 
A 1 37 TYR 37 37 37 TYR TYR A . n 
A 1 38 CYS 38 38 38 CYS CYS A . n 
A 1 39 GLN 39 39 39 GLN GLN A . n 
A 1 40 TRP 40 40 40 TRP TRP A . n 
A 1 41 VAL 41 41 41 VAL VAL A . n 
A 1 42 GLY 42 42 42 GLY GLY A . n 
A 1 43 LYS 43 43 43 LYS LYS A . n 
A 1 44 TYR 44 44 44 TYR TYR A . n 
A 1 45 GLY 45 45 45 GLY GLY A . n 
A 1 46 ASN 46 46 46 ASN ASN A . n 
A 1 47 GLY 47 47 47 GLY GLY A . n 
A 1 48 CYS 48 48 48 CYS CYS A . n 
A 1 49 TRP 49 49 49 TRP TRP A . n 
A 1 50 CYS 50 50 50 CYS CYS A . n 
A 1 51 ILE 51 51 51 ILE ILE A . n 
A 1 52 GLU 52 52 52 GLU GLU A . n 
A 1 53 LEU 53 53 53 LEU LEU A . n 
A 1 54 PRO 54 54 54 PRO PRO A . n 
A 1 55 ASP 55 55 55 ASP ASP A . n 
A 1 56 ASN 56 56 56 ASN ASN A . n 
A 1 57 VAL 57 57 57 VAL VAL A . n 
A 1 58 PRO 58 58 58 PRO PRO A . n 
A 1 59 ILE 59 59 59 ILE ILE A . n 
A 1 60 ARG 60 60 60 ARG ARG A . n 
A 1 61 VAL 61 61 61 VAL VAL A . n 
A 1 62 PRO 62 62 62 PRO PRO A . n 
A 1 63 GLY 63 63 63 GLY GLY A . n 
A 1 64 LYS 64 64 64 LYS LYS A . n 
A 1 65 CYS 65 65 65 CYS CYS A . n 
A 1 66 HIS 66 66 66 HIS HIS A . n 
# 
loop_
_pdbx_nonpoly_scheme.asym_id 
_pdbx_nonpoly_scheme.entity_id 
_pdbx_nonpoly_scheme.mon_id 
_pdbx_nonpoly_scheme.ndb_seq_num 
_pdbx_nonpoly_scheme.pdb_seq_num 
_pdbx_nonpoly_scheme.auth_seq_num 
_pdbx_nonpoly_scheme.pdb_mon_id 
_pdbx_nonpoly_scheme.auth_mon_id 
_pdbx_nonpoly_scheme.pdb_strand_id 
_pdbx_nonpoly_scheme.pdb_ins_code 
B 2 HOH 1   67  1   HOH WAT A . 
B 2 HOH 2   68  2   HOH WAT A . 
B 2 HOH 3   69  3   HOH WAT A . 
B 2 HOH 4   70  4   HOH WAT A . 
B 2 HOH 5   71  5   HOH WAT A . 
B 2 HOH 6   72  6   HOH WAT A . 
B 2 HOH 7   73  7   HOH WAT A . 
B 2 HOH 8   74  8   HOH WAT A . 
B 2 HOH 9   75  9   HOH WAT A . 
B 2 HOH 10  76  10  HOH WAT A . 
B 2 HOH 11  77  11  HOH WAT A . 
B 2 HOH 12  78  12  HOH WAT A . 
B 2 HOH 13  79  13  HOH WAT A . 
B 2 HOH 14  80  14  HOH WAT A . 
B 2 HOH 15  81  15  HOH WAT A . 
B 2 HOH 16  82  16  HOH WAT A . 
B 2 HOH 17  83  17  HOH WAT A . 
B 2 HOH 18  84  18  HOH WAT A . 
B 2 HOH 19  85  19  HOH WAT A . 
B 2 HOH 20  86  20  HOH WAT A . 
B 2 HOH 21  87  21  HOH WAT A . 
B 2 HOH 22  88  22  HOH WAT A . 
B 2 HOH 23  89  23  HOH WAT A . 
B 2 HOH 24  90  24  HOH WAT A . 
B 2 HOH 25  91  25  HOH WAT A . 
B 2 HOH 26  92  26  HOH WAT A . 
B 2 HOH 27  93  27  HOH WAT A . 
B 2 HOH 28  94  28  HOH WAT A . 
B 2 HOH 29  95  29  HOH WAT A . 
B 2 HOH 30  96  30  HOH WAT A . 
B 2 HOH 31  97  31  HOH WAT A . 
B 2 HOH 32  98  32  HOH WAT A . 
B 2 HOH 33  99  33  HOH WAT A . 
B 2 HOH 34  100 34  HOH WAT A . 
B 2 HOH 35  101 35  HOH WAT A . 
B 2 HOH 36  102 36  HOH WAT A . 
B 2 HOH 37  103 37  HOH WAT A . 
B 2 HOH 38  104 38  HOH WAT A . 
B 2 HOH 39  105 39  HOH WAT A . 
B 2 HOH 40  106 40  HOH WAT A . 
B 2 HOH 41  107 41  HOH WAT A . 
B 2 HOH 42  108 42  HOH WAT A . 
B 2 HOH 43  109 43  HOH WAT A . 
B 2 HOH 44  110 44  HOH WAT A . 
B 2 HOH 45  111 45  HOH WAT A . 
B 2 HOH 46  112 46  HOH WAT A . 
B 2 HOH 47  113 47  HOH WAT A . 
B 2 HOH 48  114 48  HOH WAT A . 
B 2 HOH 49  115 49  HOH WAT A . 
B 2 HOH 50  116 50  HOH WAT A . 
B 2 HOH 51  117 51  HOH WAT A . 
B 2 HOH 52  118 52  HOH WAT A . 
B 2 HOH 53  119 53  HOH WAT A . 
B 2 HOH 54  120 54  HOH WAT A . 
B 2 HOH 55  121 55  HOH WAT A . 
B 2 HOH 56  122 56  HOH WAT A . 
B 2 HOH 57  123 57  HOH WAT A . 
B 2 HOH 58  124 58  HOH WAT A . 
B 2 HOH 59  125 59  HOH WAT A . 
B 2 HOH 60  126 60  HOH WAT A . 
B 2 HOH 61  127 61  HOH WAT A . 
B 2 HOH 62  128 62  HOH WAT A . 
B 2 HOH 63  129 63  HOH WAT A . 
B 2 HOH 64  130 64  HOH WAT A . 
B 2 HOH 65  131 65  HOH WAT A . 
B 2 HOH 66  132 66  HOH WAT A . 
B 2 HOH 67  133 67  HOH WAT A . 
B 2 HOH 68  134 68  HOH WAT A . 
B 2 HOH 69  135 69  HOH WAT A . 
B 2 HOH 70  136 70  HOH WAT A . 
B 2 HOH 71  137 71  HOH WAT A . 
B 2 HOH 72  138 72  HOH WAT A . 
B 2 HOH 73  139 73  HOH WAT A . 
B 2 HOH 74  140 74  HOH WAT A . 
B 2 HOH 75  141 75  HOH WAT A . 
B 2 HOH 76  142 76  HOH WAT A . 
B 2 HOH 77  143 77  HOH WAT A . 
B 2 HOH 78  144 78  HOH WAT A . 
B 2 HOH 79  145 79  HOH WAT A . 
B 2 HOH 80  146 80  HOH WAT A . 
B 2 HOH 81  147 81  HOH WAT A . 
B 2 HOH 82  148 82  HOH WAT A . 
B 2 HOH 83  149 83  HOH WAT A . 
B 2 HOH 84  150 84  HOH WAT A . 
B 2 HOH 85  151 86  HOH WAT A . 
B 2 HOH 86  152 87  HOH WAT A . 
B 2 HOH 87  153 88  HOH WAT A . 
B 2 HOH 88  154 89  HOH WAT A . 
B 2 HOH 89  155 90  HOH WAT A . 
B 2 HOH 90  156 91  HOH WAT A . 
B 2 HOH 91  157 92  HOH WAT A . 
B 2 HOH 92  158 93  HOH WAT A . 
B 2 HOH 93  159 94  HOH WAT A . 
B 2 HOH 94  160 95  HOH WAT A . 
B 2 HOH 95  161 96  HOH WAT A . 
B 2 HOH 96  162 97  HOH WAT A . 
B 2 HOH 97  163 98  HOH WAT A . 
B 2 HOH 98  164 99  HOH WAT A . 
B 2 HOH 99  165 100 HOH WAT A . 
B 2 HOH 100 166 101 HOH WAT A . 
B 2 HOH 101 167 102 HOH WAT A . 
B 2 HOH 102 168 103 HOH WAT A . 
B 2 HOH 103 169 104 HOH WAT A . 
# 
loop_
_software.name 
_software.classification 
_software.version 
_software.citation_id 
_software.pdbx_ordinal 
CNS       refinement       1.1 ? 1 
DENZO     'data reduction' .   ? 2 
SCALEPACK 'data scaling'   .   ? 3 
AMoRE     phasing          .   ? 4 
# 
_cell.entry_id           1ZVG 
_cell.length_a           47.401 
_cell.length_b           44.338 
_cell.length_c           25.445 
_cell.angle_alpha        90.00 
_cell.angle_beta         90.00 
_cell.angle_gamma        90.00 
_cell.Z_PDB              4 
_cell.pdbx_unique_axis   ? 
_cell.length_a_esd       ? 
_cell.length_b_esd       ? 
_cell.length_c_esd       ? 
_cell.angle_alpha_esd    ? 
_cell.angle_beta_esd     ? 
_cell.angle_gamma_esd    ? 
# 
_symmetry.entry_id                         1ZVG 
_symmetry.space_group_name_H-M             'P 21 21 2' 
_symmetry.pdbx_full_space_group_name_H-M   ? 
_symmetry.cell_setting                     ? 
_symmetry.Int_Tables_number                18 
_symmetry.space_group_name_Hall            ? 
# 
_exptl.entry_id          1ZVG 
_exptl.method            'X-RAY DIFFRACTION' 
_exptl.crystals_number   1 
# 
_exptl_crystal.id                    1 
_exptl_crystal.density_meas          ? 
_exptl_crystal.density_Matthews      1.81 
_exptl_crystal.density_percent_sol   32 
_exptl_crystal.description           ? 
_exptl_crystal.F_000                 ? 
_exptl_crystal.preparation           ? 
# 
_exptl_crystal_grow.crystal_id      1 
_exptl_crystal_grow.method          'VAPOR DIFFUSION, HANGING DROP' 
_exptl_crystal_grow.temp            293 
_exptl_crystal_grow.temp_details    ? 
_exptl_crystal_grow.pH              6.0 
_exptl_crystal_grow.pdbx_details    '1.5M sodium phosphates, pH 6.0, VAPOR DIFFUSION, HANGING DROP, temperature 293K' 
_exptl_crystal_grow.pdbx_pH_range   . 
# 
_diffrn.id                     1 
_diffrn.ambient_temp           293 
_diffrn.ambient_temp_details   ? 
_diffrn.crystal_id             1 
# 
_diffrn_detector.diffrn_id              1 
_diffrn_detector.detector               CCD 
_diffrn_detector.type                   'ADSC QUANTUM 4' 
_diffrn_detector.pdbx_collection_date   2000-11-20 
_diffrn_detector.details                ? 
# 
_diffrn_radiation.diffrn_id                        1 
_diffrn_radiation.wavelength_id                    1 
_diffrn_radiation.pdbx_monochromatic_or_laue_m_l   M 
_diffrn_radiation.monochromator                    'SILICON (111)' 
_diffrn_radiation.pdbx_diffrn_protocol             'SINGLE WAVELENGTH' 
_diffrn_radiation.pdbx_scattering_type             x-ray 
# 
_diffrn_radiation_wavelength.id           1 
_diffrn_radiation_wavelength.wavelength   1.0 
_diffrn_radiation_wavelength.wt           1.0 
# 
_diffrn_source.diffrn_id                   1 
_diffrn_source.source                      SYNCHROTRON 
_diffrn_source.type                        'PHOTON FACTORY BEAMLINE BL-18B' 
_diffrn_source.pdbx_synchrotron_site       'Photon Factory' 
_diffrn_source.pdbx_synchrotron_beamline   BL-18B 
_diffrn_source.pdbx_wavelength             ? 
_diffrn_source.pdbx_wavelength_list        1.0 
# 
_reflns.entry_id                     1ZVG 
_reflns.observed_criterion_sigma_I   0.0 
_reflns.observed_criterion_sigma_F   0.0 
_reflns.d_resolution_low             23.7 
_reflns.d_resolution_high            1.20 
_reflns.number_obs                   15517 
_reflns.number_all                   15517 
_reflns.percent_possible_obs         89.0 
_reflns.pdbx_Rmerge_I_obs            0.05 
_reflns.pdbx_Rsym_value              0.05 
_reflns.pdbx_netI_over_sigmaI        23.2 
_reflns.B_iso_Wilson_estimate        7.4 
_reflns.pdbx_redundancy              4.2 
_reflns.R_free_details               ? 
_reflns.limit_h_max                  ? 
_reflns.limit_h_min                  ? 
_reflns.limit_k_max                  ? 
_reflns.limit_k_min                  ? 
_reflns.limit_l_max                  ? 
_reflns.limit_l_min                  ? 
_reflns.observed_criterion_F_max     ? 
_reflns.observed_criterion_F_min     ? 
_reflns.pdbx_chi_squared             ? 
_reflns.pdbx_scaling_rejects         ? 
_reflns.pdbx_diffrn_id               1 
_reflns.pdbx_ordinal                 1 
# 
_reflns_shell.d_res_high             1.20 
_reflns_shell.d_res_low              1.28 
_reflns_shell.percent_possible_all   58.4 
_reflns_shell.Rmerge_I_obs           0.275 
_reflns_shell.pdbx_Rsym_value        0.275 
_reflns_shell.meanI_over_sigI_obs    3.2 
_reflns_shell.pdbx_redundancy        ? 
_reflns_shell.percent_possible_obs   ? 
_reflns_shell.number_unique_all      ? 
_reflns_shell.number_measured_all    ? 
_reflns_shell.number_measured_obs    ? 
_reflns_shell.number_unique_obs      ? 
_reflns_shell.pdbx_chi_squared       ? 
_reflns_shell.pdbx_diffrn_id         ? 
_reflns_shell.pdbx_ordinal           1 
# 
_refine.entry_id                                 1ZVG 
_refine.ls_number_reflns_obs                     15517 
_refine.ls_number_reflns_all                     15517 
_refine.pdbx_ls_sigma_I                          0.0 
_refine.pdbx_ls_sigma_F                          0.0 
_refine.pdbx_data_cutoff_high_absF               279578.92 
_refine.pdbx_data_cutoff_low_absF                0.000000 
_refine.pdbx_data_cutoff_high_rms_absF           ? 
_refine.ls_d_res_low                             23.70 
_refine.ls_d_res_high                            1.20 
_refine.ls_percent_reflns_obs                    89.0 
_refine.ls_R_factor_obs                          0.158 
_refine.ls_R_factor_all                          ? 
_refine.ls_R_factor_R_work                       0.158 
_refine.ls_R_factor_R_free                       0.162 
_refine.ls_R_factor_R_free_error                 0.005 
_refine.ls_R_factor_R_free_error_details         ? 
_refine.ls_percent_reflns_R_free                 8.0 
_refine.ls_number_reflns_R_free                  1234 
_refine.ls_number_parameters                     ? 
_refine.ls_number_restraints                     ? 
_refine.occupancy_min                            ? 
_refine.occupancy_max                            ? 
_refine.correlation_coeff_Fo_to_Fc               ? 
_refine.correlation_coeff_Fo_to_Fc_free          ? 
_refine.B_iso_mean                               12.1 
_refine.aniso_B[1][1]                            -0.71 
_refine.aniso_B[2][2]                            1.34 
_refine.aniso_B[3][3]                            -0.62 
_refine.aniso_B[1][2]                            0.00 
_refine.aniso_B[1][3]                            0.00 
_refine.aniso_B[2][3]                            0.00 
_refine.solvent_model_details                    'FLAT MODEL' 
_refine.solvent_model_param_ksol                 0.333947 
_refine.solvent_model_param_bsol                 39.4454 
_refine.pdbx_solvent_vdw_probe_radii             ? 
_refine.pdbx_solvent_ion_probe_radii             ? 
_refine.pdbx_solvent_shrinkage_radii             ? 
_refine.pdbx_ls_cross_valid_method               THROUGHOUT 
_refine.details                                  ? 
_refine.pdbx_starting_model                      1SN1.pdb 
_refine.pdbx_method_to_determine_struct          'MOLECULAR REPLACEMENT' 
_refine.pdbx_isotropic_thermal_model             RESTRAINED 
_refine.pdbx_stereochemistry_target_values       'Engh & Huber' 
_refine.pdbx_stereochem_target_val_spec_case     ? 
_refine.pdbx_R_Free_selection_details            RANDOM 
_refine.pdbx_overall_ESU_R                       ? 
_refine.pdbx_overall_ESU_R_Free                  ? 
_refine.overall_SU_ML                            ? 
_refine.overall_SU_B                             ? 
_refine.ls_redundancy_reflns_obs                 ? 
_refine.B_iso_min                                ? 
_refine.B_iso_max                                ? 
_refine.overall_SU_R_Cruickshank_DPI             ? 
_refine.overall_SU_R_free                        ? 
_refine.ls_wR_factor_R_free                      ? 
_refine.ls_wR_factor_R_work                      ? 
_refine.overall_FOM_free_R_set                   ? 
_refine.overall_FOM_work_R_set                   ? 
_refine.pdbx_refine_id                           'X-RAY DIFFRACTION' 
_refine.pdbx_diffrn_id                           1 
_refine.pdbx_TLS_residual_ADP_flag               ? 
_refine.pdbx_overall_phase_error                 ? 
_refine.pdbx_overall_SU_R_free_Cruickshank_DPI   ? 
_refine.pdbx_overall_SU_R_Blow_DPI               ? 
_refine.pdbx_overall_SU_R_free_Blow_DPI          ? 
# 
_refine_analyze.entry_id                        1ZVG 
_refine_analyze.Luzzati_coordinate_error_obs    0.11 
_refine_analyze.Luzzati_sigma_a_obs             0.08 
_refine_analyze.Luzzati_d_res_low_obs           5.00 
_refine_analyze.Luzzati_coordinate_error_free   0.11 
_refine_analyze.Luzzati_sigma_a_free            0.09 
_refine_analyze.Luzzati_d_res_low_free          ? 
_refine_analyze.number_disordered_residues      ? 
_refine_analyze.occupancy_sum_hydrogen          ? 
_refine_analyze.occupancy_sum_non_hydrogen      ? 
_refine_analyze.pdbx_Luzzati_d_res_high_obs     ? 
_refine_analyze.pdbx_refine_id                  'X-RAY DIFFRACTION' 
# 
_refine_hist.pdbx_refine_id                   'X-RAY DIFFRACTION' 
_refine_hist.cycle_id                         LAST 
_refine_hist.pdbx_number_atoms_protein        515 
_refine_hist.pdbx_number_atoms_nucleic_acid   0 
_refine_hist.pdbx_number_atoms_ligand         0 
_refine_hist.number_atoms_solvent             103 
_refine_hist.number_atoms_total               618 
_refine_hist.d_res_high                       1.20 
_refine_hist.d_res_low                        23.70 
# 
loop_
_refine_ls_restr.type 
_refine_ls_restr.dev_ideal 
_refine_ls_restr.dev_ideal_target 
_refine_ls_restr.weight 
_refine_ls_restr.number 
_refine_ls_restr.pdbx_refine_id 
_refine_ls_restr.pdbx_restraint_function 
c_bond_d           0.006 ? ? ? 'X-RAY DIFFRACTION' ? 
c_angle_deg        1.4   ? ? ? 'X-RAY DIFFRACTION' ? 
c_dihedral_angle_d 24.0  ? ? ? 'X-RAY DIFFRACTION' ? 
c_improper_angle_d 0.95  ? ? ? 'X-RAY DIFFRACTION' ? 
# 
_refine_ls_shell.pdbx_total_number_of_bins_used   6 
_refine_ls_shell.d_res_high                       1.20 
_refine_ls_shell.d_res_low                        1.28 
_refine_ls_shell.number_reflns_R_work             1574 
_refine_ls_shell.R_factor_R_work                  0.209 
_refine_ls_shell.percent_reflns_obs               59.5 
_refine_ls_shell.R_factor_R_free                  0.187 
_refine_ls_shell.R_factor_R_free_error            0.017 
_refine_ls_shell.percent_reflns_R_free            7.0 
_refine_ls_shell.number_reflns_R_free             119 
_refine_ls_shell.number_reflns_obs                ? 
_refine_ls_shell.redundancy_reflns_obs            ? 
_refine_ls_shell.number_reflns_all                ? 
_refine_ls_shell.R_factor_all                     ? 
_refine_ls_shell.pdbx_refine_id                   'X-RAY DIFFRACTION' 
# 
loop_
_pdbx_xplor_file.serial_no 
_pdbx_xplor_file.param_file 
_pdbx_xplor_file.topol_file 
_pdbx_xplor_file.pdbx_refine_id 
1 protein_rep.param protein.top   'X-RAY DIFFRACTION' 
2 water_rep.param   water_rep.top 'X-RAY DIFFRACTION' 
# 
_struct.entry_id                  1ZVG 
_struct.title                     
'Crystal Structure Of Mutant K8DP9S Of Scorpion alpha-Like Neurotoxin Bmk M1 From Buthus Martensii Karsch' 
_struct.pdbx_model_details        ? 
_struct.pdbx_CASP_flag            ? 
_struct.pdbx_model_type_details   ? 
# 
_struct_keywords.entry_id        1ZVG 
_struct_keywords.pdbx_keywords   TOXIN 
_struct_keywords.text            'scorpion alpha-like toxin, BMK M1, mutant, mammal/insect selectivity, Toxin' 
# 
loop_
_struct_asym.id 
_struct_asym.pdbx_blank_PDB_chainid_flag 
_struct_asym.pdbx_modified 
_struct_asym.entity_id 
_struct_asym.details 
A N N 1 ? 
B N N 2 ? 
# 
_struct_ref.id                         1 
_struct_ref.db_name                    UNP 
_struct_ref.db_code                    SCX1_MESMA 
_struct_ref.pdbx_db_accession          P45697 
_struct_ref.entity_id                  1 
_struct_ref.pdbx_align_begin           19 
_struct_ref.pdbx_seq_one_letter_code   ? 
_struct_ref.pdbx_db_isoform            ? 
# 
_struct_ref_seq.align_id                      1 
_struct_ref_seq.ref_id                        1 
_struct_ref_seq.pdbx_PDB_id_code              1ZVG 
_struct_ref_seq.pdbx_strand_id                A 
_struct_ref_seq.seq_align_beg                 3 
_struct_ref_seq.pdbx_seq_align_beg_ins_code   ? 
_struct_ref_seq.seq_align_end                 66 
_struct_ref_seq.pdbx_seq_align_end_ins_code   ? 
_struct_ref_seq.pdbx_db_accession             P45697 
_struct_ref_seq.db_align_beg                  19 
_struct_ref_seq.pdbx_db_align_beg_ins_code    ? 
_struct_ref_seq.db_align_end                  83 
_struct_ref_seq.pdbx_db_align_end_ins_code    ? 
_struct_ref_seq.pdbx_auth_seq_align_beg       3 
_struct_ref_seq.pdbx_auth_seq_align_end       66 
# 
loop_
_struct_ref_seq_dif.align_id 
_struct_ref_seq_dif.pdbx_pdb_id_code 
_struct_ref_seq_dif.mon_id 
_struct_ref_seq_dif.pdbx_pdb_strand_id 
_struct_ref_seq_dif.seq_num 
_struct_ref_seq_dif.pdbx_pdb_ins_code 
_struct_ref_seq_dif.pdbx_seq_db_name 
_struct_ref_seq_dif.pdbx_seq_db_accession_code 
_struct_ref_seq_dif.db_mon_id 
_struct_ref_seq_dif.pdbx_seq_db_seq_num 
_struct_ref_seq_dif.details 
_struct_ref_seq_dif.pdbx_auth_seq_num 
_struct_ref_seq_dif.pdbx_ordinal 
1 1ZVG ASN A 1  ? UNP P45697 ?   ?  'cloning artifact'    1  1 
1 1ZVG SER A 2  ? UNP P45697 ?   ?  'cloning artifact'    2  2 
1 1ZVG ASP A 10 ? UNP P45697 LYS 27 'engineered mutation' 10 3 
1 1ZVG SER A 11 ? UNP P45697 PRO 28 'engineered mutation' 11 4 
# 
_pdbx_struct_assembly.id                   1 
_pdbx_struct_assembly.details              author_defined_assembly 
_pdbx_struct_assembly.method_details       ? 
_pdbx_struct_assembly.oligomeric_details   monomeric 
_pdbx_struct_assembly.oligomeric_count     1 
# 
_pdbx_struct_assembly_gen.assembly_id       1 
_pdbx_struct_assembly_gen.oper_expression   1 
_pdbx_struct_assembly_gen.asym_id_list      A,B 
# 
_pdbx_struct_oper_list.id                   1 
_pdbx_struct_oper_list.type                 'identity operation' 
_pdbx_struct_oper_list.name                 1_555 
_pdbx_struct_oper_list.symmetry_operation   x,y,z 
_pdbx_struct_oper_list.matrix[1][1]         1.0000000000 
_pdbx_struct_oper_list.matrix[1][2]         0.0000000000 
_pdbx_struct_oper_list.matrix[1][3]         0.0000000000 
_pdbx_struct_oper_list.vector[1]            0.0000000000 
_pdbx_struct_oper_list.matrix[2][1]         0.0000000000 
_pdbx_struct_oper_list.matrix[2][2]         1.0000000000 
_pdbx_struct_oper_list.matrix[2][3]         0.0000000000 
_pdbx_struct_oper_list.vector[2]            0.0000000000 
_pdbx_struct_oper_list.matrix[3][1]         0.0000000000 
_pdbx_struct_oper_list.matrix[3][2]         0.0000000000 
_pdbx_struct_oper_list.matrix[3][3]         1.0000000000 
_pdbx_struct_oper_list.vector[3]            0.0000000000 
# 
_struct_biol.id                    1 
_struct_biol.pdbx_parent_biol_id   ? 
_struct_biol.details               ? 
# 
_struct_conf.conf_type_id            HELX_P 
_struct_conf.id                      HELX_P1 
_struct_conf.pdbx_PDB_helix_id       1 
_struct_conf.beg_label_comp_id       ARG 
_struct_conf.beg_label_asym_id       A 
_struct_conf.beg_label_seq_id        20 
_struct_conf.pdbx_beg_PDB_ins_code   ? 
_struct_conf.end_label_comp_id       ASN 
_struct_conf.end_label_asym_id       A 
_struct_conf.end_label_seq_id        31 
_struct_conf.pdbx_end_PDB_ins_code   ? 
_struct_conf.beg_auth_comp_id        ARG 
_struct_conf.beg_auth_asym_id        A 
_struct_conf.beg_auth_seq_id         20 
_struct_conf.end_auth_comp_id        ASN 
_struct_conf.end_auth_asym_id        A 
_struct_conf.end_auth_seq_id         31 
_struct_conf.pdbx_PDB_helix_class    1 
_struct_conf.details                 ? 
_struct_conf.pdbx_PDB_helix_length   12 
# 
_struct_conf_type.id          HELX_P 
_struct_conf_type.criteria    ? 
_struct_conf_type.reference   ? 
# 
loop_
_struct_conn.id 
_struct_conn.conn_type_id 
_struct_conn.pdbx_leaving_atom_flag 
_struct_conn.pdbx_PDB_id 
_struct_conn.ptnr1_label_asym_id 
_struct_conn.ptnr1_label_comp_id 
_struct_conn.ptnr1_label_seq_id 
_struct_conn.ptnr1_label_atom_id 
_struct_conn.pdbx_ptnr1_label_alt_id 
_struct_conn.pdbx_ptnr1_PDB_ins_code 
_struct_conn.pdbx_ptnr1_standard_comp_id 
_struct_conn.ptnr1_symmetry 
_struct_conn.ptnr2_label_asym_id 
_struct_conn.ptnr2_label_comp_id 
_struct_conn.ptnr2_label_seq_id 
_struct_conn.ptnr2_label_atom_id 
_struct_conn.pdbx_ptnr2_label_alt_id 
_struct_conn.pdbx_ptnr2_PDB_ins_code 
_struct_conn.ptnr1_auth_asym_id 
_struct_conn.ptnr1_auth_comp_id 
_struct_conn.ptnr1_auth_seq_id 
_struct_conn.ptnr2_auth_asym_id 
_struct_conn.ptnr2_auth_comp_id 
_struct_conn.ptnr2_auth_seq_id 
_struct_conn.ptnr2_symmetry 
_struct_conn.pdbx_ptnr3_label_atom_id 
_struct_conn.pdbx_ptnr3_label_seq_id 
_struct_conn.pdbx_ptnr3_label_comp_id 
_struct_conn.pdbx_ptnr3_label_asym_id 
_struct_conn.pdbx_ptnr3_label_alt_id 
_struct_conn.pdbx_ptnr3_PDB_ins_code 
_struct_conn.details 
_struct_conn.pdbx_dist_value 
_struct_conn.pdbx_value_order 
_struct_conn.pdbx_role 
disulf1 disulf ? ? A CYS 14 SG ? ? ? 1_555 A CYS 65 SG ? ? A CYS 14 A CYS 65 1_555 ? ? ? ? ? ? ? 2.037 ? ? 
disulf2 disulf ? ? A CYS 18 SG ? ? ? 1_555 A CYS 38 SG ? ? A CYS 18 A CYS 38 1_555 ? ? ? ? ? ? ? 2.031 ? ? 
disulf3 disulf ? ? A CYS 24 SG ? ? ? 1_555 A CYS 48 SG ? ? A CYS 24 A CYS 48 1_555 ? ? ? ? ? ? ? 2.025 ? ? 
disulf4 disulf ? ? A CYS 28 SG ? ? ? 1_555 A CYS 50 SG ? ? A CYS 28 A CYS 50 1_555 ? ? ? ? ? ? ? 2.029 ? ? 
# 
_struct_conn_type.id          disulf 
_struct_conn_type.criteria    ? 
_struct_conn_type.reference   ? 
# 
loop_
_pdbx_modification_feature.ordinal 
_pdbx_modification_feature.label_comp_id 
_pdbx_modification_feature.label_asym_id 
_pdbx_modification_feature.label_seq_id 
_pdbx_modification_feature.label_alt_id 
_pdbx_modification_feature.modified_residue_label_comp_id 
_pdbx_modification_feature.modified_residue_label_asym_id 
_pdbx_modification_feature.modified_residue_label_seq_id 
_pdbx_modification_feature.modified_residue_label_alt_id 
_pdbx_modification_feature.auth_comp_id 
_pdbx_modification_feature.auth_asym_id 
_pdbx_modification_feature.auth_seq_id 
_pdbx_modification_feature.PDB_ins_code 
_pdbx_modification_feature.symmetry 
_pdbx_modification_feature.modified_residue_auth_comp_id 
_pdbx_modification_feature.modified_residue_auth_asym_id 
_pdbx_modification_feature.modified_residue_auth_seq_id 
_pdbx_modification_feature.modified_residue_PDB_ins_code 
_pdbx_modification_feature.modified_residue_symmetry 
_pdbx_modification_feature.comp_id_linking_atom 
_pdbx_modification_feature.modified_residue_id_linking_atom 
_pdbx_modification_feature.modified_residue_id 
_pdbx_modification_feature.ref_pcm_id 
_pdbx_modification_feature.ref_comp_id 
_pdbx_modification_feature.type 
_pdbx_modification_feature.category 
1 CYS A 14 ? CYS A 65 ? CYS A 14 ? 1_555 CYS A 65 ? 1_555 SG SG . . . None 'Disulfide bridge' 
2 CYS A 18 ? CYS A 38 ? CYS A 18 ? 1_555 CYS A 38 ? 1_555 SG SG . . . None 'Disulfide bridge' 
3 CYS A 24 ? CYS A 48 ? CYS A 24 ? 1_555 CYS A 48 ? 1_555 SG SG . . . None 'Disulfide bridge' 
4 CYS A 28 ? CYS A 50 ? CYS A 28 ? 1_555 CYS A 50 ? 1_555 SG SG . . . None 'Disulfide bridge' 
# 
_struct_sheet.id               A 
_struct_sheet.type             ? 
_struct_sheet.number_strands   3 
_struct_sheet.details          ? 
# 
loop_
_struct_sheet_order.sheet_id 
_struct_sheet_order.range_id_1 
_struct_sheet_order.range_id_2 
_struct_sheet_order.offset 
_struct_sheet_order.sense 
A 1 2 ? anti-parallel 
A 2 3 ? anti-parallel 
# 
loop_
_struct_sheet_range.sheet_id 
_struct_sheet_range.id 
_struct_sheet_range.beg_label_comp_id 
_struct_sheet_range.beg_label_asym_id 
_struct_sheet_range.beg_label_seq_id 
_struct_sheet_range.pdbx_beg_PDB_ins_code 
_struct_sheet_range.end_label_comp_id 
_struct_sheet_range.end_label_asym_id 
_struct_sheet_range.end_label_seq_id 
_struct_sheet_range.pdbx_end_PDB_ins_code 
_struct_sheet_range.beg_auth_comp_id 
_struct_sheet_range.beg_auth_asym_id 
_struct_sheet_range.beg_auth_seq_id 
_struct_sheet_range.end_auth_comp_id 
_struct_sheet_range.end_auth_asym_id 
_struct_sheet_range.end_auth_seq_id 
A 1 VAL A 3  ? TYR A 7  ? VAL A 3  TYR A 7  
A 2 GLY A 47 ? PRO A 54 ? GLY A 47 PRO A 54 
A 3 SER A 35 ? GLN A 39 ? SER A 35 GLN A 39 
# 
loop_
_pdbx_struct_sheet_hbond.sheet_id 
_pdbx_struct_sheet_hbond.range_id_1 
_pdbx_struct_sheet_hbond.range_id_2 
_pdbx_struct_sheet_hbond.range_1_label_atom_id 
_pdbx_struct_sheet_hbond.range_1_label_comp_id 
_pdbx_struct_sheet_hbond.range_1_label_asym_id 
_pdbx_struct_sheet_hbond.range_1_label_seq_id 
_pdbx_struct_sheet_hbond.range_1_PDB_ins_code 
_pdbx_struct_sheet_hbond.range_1_auth_atom_id 
_pdbx_struct_sheet_hbond.range_1_auth_comp_id 
_pdbx_struct_sheet_hbond.range_1_auth_asym_id 
_pdbx_struct_sheet_hbond.range_1_auth_seq_id 
_pdbx_struct_sheet_hbond.range_2_label_atom_id 
_pdbx_struct_sheet_hbond.range_2_label_comp_id 
_pdbx_struct_sheet_hbond.range_2_label_asym_id 
_pdbx_struct_sheet_hbond.range_2_label_seq_id 
_pdbx_struct_sheet_hbond.range_2_PDB_ins_code 
_pdbx_struct_sheet_hbond.range_2_auth_atom_id 
_pdbx_struct_sheet_hbond.range_2_auth_comp_id 
_pdbx_struct_sheet_hbond.range_2_auth_asym_id 
_pdbx_struct_sheet_hbond.range_2_auth_seq_id 
A 1 2 N ALA A 6  ? N ALA A 6  O CYS A 50 ? O CYS A 50 
A 2 3 O TRP A 49 ? O TRP A 49 N TYR A 37 ? N TYR A 37 
# 
_pdbx_entry_details.entry_id                   1ZVG 
_pdbx_entry_details.compound_details           ? 
_pdbx_entry_details.source_details             ? 
_pdbx_entry_details.nonpolymer_details         ? 
_pdbx_entry_details.sequence_details           ? 
_pdbx_entry_details.has_ligand_of_interest     ? 
_pdbx_entry_details.has_protein_modification   Y 
# 
loop_
_pdbx_validate_close_contact.id 
_pdbx_validate_close_contact.PDB_model_num 
_pdbx_validate_close_contact.auth_atom_id_1 
_pdbx_validate_close_contact.auth_asym_id_1 
_pdbx_validate_close_contact.auth_comp_id_1 
_pdbx_validate_close_contact.auth_seq_id_1 
_pdbx_validate_close_contact.PDB_ins_code_1 
_pdbx_validate_close_contact.label_alt_id_1 
_pdbx_validate_close_contact.auth_atom_id_2 
_pdbx_validate_close_contact.auth_asym_id_2 
_pdbx_validate_close_contact.auth_comp_id_2 
_pdbx_validate_close_contact.auth_seq_id_2 
_pdbx_validate_close_contact.PDB_ins_code_2 
_pdbx_validate_close_contact.label_alt_id_2 
_pdbx_validate_close_contact.dist 
1 1 O   A HOH 99 ? ? O A HOH 147 ? ? 2.00 
2 1 OE1 A GLN 39 ? ? O A HOH 109 ? ? 2.18 
# 
loop_
_pdbx_validate_symm_contact.id 
_pdbx_validate_symm_contact.PDB_model_num 
_pdbx_validate_symm_contact.auth_atom_id_1 
_pdbx_validate_symm_contact.auth_asym_id_1 
_pdbx_validate_symm_contact.auth_comp_id_1 
_pdbx_validate_symm_contact.auth_seq_id_1 
_pdbx_validate_symm_contact.PDB_ins_code_1 
_pdbx_validate_symm_contact.label_alt_id_1 
_pdbx_validate_symm_contact.site_symmetry_1 
_pdbx_validate_symm_contact.auth_atom_id_2 
_pdbx_validate_symm_contact.auth_asym_id_2 
_pdbx_validate_symm_contact.auth_comp_id_2 
_pdbx_validate_symm_contact.auth_seq_id_2 
_pdbx_validate_symm_contact.PDB_ins_code_2 
_pdbx_validate_symm_contact.label_alt_id_2 
_pdbx_validate_symm_contact.site_symmetry_2 
_pdbx_validate_symm_contact.dist 
1 1 O A HOH 158 ? ? 1_555 O A HOH 165 ? ? 2_765 2.02 
2 1 O A HOH 140 ? ? 1_555 O A HOH 169 ? ? 3_656 2.06 
3 1 O A HOH 96  ? ? 1_555 O A HOH 164 ? ? 4_556 2.07 
4 1 O A HOH 134 ? ? 1_555 O A HOH 169 ? ? 4_556 2.17 
# 
loop_
_pdbx_struct_special_symmetry.id 
_pdbx_struct_special_symmetry.PDB_model_num 
_pdbx_struct_special_symmetry.auth_asym_id 
_pdbx_struct_special_symmetry.auth_comp_id 
_pdbx_struct_special_symmetry.auth_seq_id 
_pdbx_struct_special_symmetry.PDB_ins_code 
_pdbx_struct_special_symmetry.label_asym_id 
_pdbx_struct_special_symmetry.label_comp_id 
_pdbx_struct_special_symmetry.label_seq_id 
1 1 A HOH 144 ? B HOH . 
2 1 A HOH 157 ? B HOH . 
# 
loop_
_chem_comp_atom.comp_id 
_chem_comp_atom.atom_id 
_chem_comp_atom.type_symbol 
_chem_comp_atom.pdbx_aromatic_flag 
_chem_comp_atom.pdbx_stereo_config 
_chem_comp_atom.pdbx_ordinal 
ALA N    N N N 1   
ALA CA   C N S 2   
ALA C    C N N 3   
ALA O    O N N 4   
ALA CB   C N N 5   
ALA OXT  O N N 6   
ALA H    H N N 7   
ALA H2   H N N 8   
ALA HA   H N N 9   
ALA HB1  H N N 10  
ALA HB2  H N N 11  
ALA HB3  H N N 12  
ALA HXT  H N N 13  
ARG N    N N N 14  
ARG CA   C N S 15  
ARG C    C N N 16  
ARG O    O N N 17  
ARG CB   C N N 18  
ARG CG   C N N 19  
ARG CD   C N N 20  
ARG NE   N N N 21  
ARG CZ   C N N 22  
ARG NH1  N N N 23  
ARG NH2  N N N 24  
ARG OXT  O N N 25  
ARG H    H N N 26  
ARG H2   H N N 27  
ARG HA   H N N 28  
ARG HB2  H N N 29  
ARG HB3  H N N 30  
ARG HG2  H N N 31  
ARG HG3  H N N 32  
ARG HD2  H N N 33  
ARG HD3  H N N 34  
ARG HE   H N N 35  
ARG HH11 H N N 36  
ARG HH12 H N N 37  
ARG HH21 H N N 38  
ARG HH22 H N N 39  
ARG HXT  H N N 40  
ASN N    N N N 41  
ASN CA   C N S 42  
ASN C    C N N 43  
ASN O    O N N 44  
ASN CB   C N N 45  
ASN CG   C N N 46  
ASN OD1  O N N 47  
ASN ND2  N N N 48  
ASN OXT  O N N 49  
ASN H    H N N 50  
ASN H2   H N N 51  
ASN HA   H N N 52  
ASN HB2  H N N 53  
ASN HB3  H N N 54  
ASN HD21 H N N 55  
ASN HD22 H N N 56  
ASN HXT  H N N 57  
ASP N    N N N 58  
ASP CA   C N S 59  
ASP C    C N N 60  
ASP O    O N N 61  
ASP CB   C N N 62  
ASP CG   C N N 63  
ASP OD1  O N N 64  
ASP OD2  O N N 65  
ASP OXT  O N N 66  
ASP H    H N N 67  
ASP H2   H N N 68  
ASP HA   H N N 69  
ASP HB2  H N N 70  
ASP HB3  H N N 71  
ASP HD2  H N N 72  
ASP HXT  H N N 73  
CYS N    N N N 74  
CYS CA   C N R 75  
CYS C    C N N 76  
CYS O    O N N 77  
CYS CB   C N N 78  
CYS SG   S N N 79  
CYS OXT  O N N 80  
CYS H    H N N 81  
CYS H2   H N N 82  
CYS HA   H N N 83  
CYS HB2  H N N 84  
CYS HB3  H N N 85  
CYS HG   H N N 86  
CYS HXT  H N N 87  
GLN N    N N N 88  
GLN CA   C N S 89  
GLN C    C N N 90  
GLN O    O N N 91  
GLN CB   C N N 92  
GLN CG   C N N 93  
GLN CD   C N N 94  
GLN OE1  O N N 95  
GLN NE2  N N N 96  
GLN OXT  O N N 97  
GLN H    H N N 98  
GLN H2   H N N 99  
GLN HA   H N N 100 
GLN HB2  H N N 101 
GLN HB3  H N N 102 
GLN HG2  H N N 103 
GLN HG3  H N N 104 
GLN HE21 H N N 105 
GLN HE22 H N N 106 
GLN HXT  H N N 107 
GLU N    N N N 108 
GLU CA   C N S 109 
GLU C    C N N 110 
GLU O    O N N 111 
GLU CB   C N N 112 
GLU CG   C N N 113 
GLU CD   C N N 114 
GLU OE1  O N N 115 
GLU OE2  O N N 116 
GLU OXT  O N N 117 
GLU H    H N N 118 
GLU H2   H N N 119 
GLU HA   H N N 120 
GLU HB2  H N N 121 
GLU HB3  H N N 122 
GLU HG2  H N N 123 
GLU HG3  H N N 124 
GLU HE2  H N N 125 
GLU HXT  H N N 126 
GLY N    N N N 127 
GLY CA   C N N 128 
GLY C    C N N 129 
GLY O    O N N 130 
GLY OXT  O N N 131 
GLY H    H N N 132 
GLY H2   H N N 133 
GLY HA2  H N N 134 
GLY HA3  H N N 135 
GLY HXT  H N N 136 
HIS N    N N N 137 
HIS CA   C N S 138 
HIS C    C N N 139 
HIS O    O N N 140 
HIS CB   C N N 141 
HIS CG   C Y N 142 
HIS ND1  N Y N 143 
HIS CD2  C Y N 144 
HIS CE1  C Y N 145 
HIS NE2  N Y N 146 
HIS OXT  O N N 147 
HIS H    H N N 148 
HIS H2   H N N 149 
HIS HA   H N N 150 
HIS HB2  H N N 151 
HIS HB3  H N N 152 
HIS HD1  H N N 153 
HIS HD2  H N N 154 
HIS HE1  H N N 155 
HIS HE2  H N N 156 
HIS HXT  H N N 157 
HOH O    O N N 158 
HOH H1   H N N 159 
HOH H2   H N N 160 
ILE N    N N N 161 
ILE CA   C N S 162 
ILE C    C N N 163 
ILE O    O N N 164 
ILE CB   C N S 165 
ILE CG1  C N N 166 
ILE CG2  C N N 167 
ILE CD1  C N N 168 
ILE OXT  O N N 169 
ILE H    H N N 170 
ILE H2   H N N 171 
ILE HA   H N N 172 
ILE HB   H N N 173 
ILE HG12 H N N 174 
ILE HG13 H N N 175 
ILE HG21 H N N 176 
ILE HG22 H N N 177 
ILE HG23 H N N 178 
ILE HD11 H N N 179 
ILE HD12 H N N 180 
ILE HD13 H N N 181 
ILE HXT  H N N 182 
LEU N    N N N 183 
LEU CA   C N S 184 
LEU C    C N N 185 
LEU O    O N N 186 
LEU CB   C N N 187 
LEU CG   C N N 188 
LEU CD1  C N N 189 
LEU CD2  C N N 190 
LEU OXT  O N N 191 
LEU H    H N N 192 
LEU H2   H N N 193 
LEU HA   H N N 194 
LEU HB2  H N N 195 
LEU HB3  H N N 196 
LEU HG   H N N 197 
LEU HD11 H N N 198 
LEU HD12 H N N 199 
LEU HD13 H N N 200 
LEU HD21 H N N 201 
LEU HD22 H N N 202 
LEU HD23 H N N 203 
LEU HXT  H N N 204 
LYS N    N N N 205 
LYS CA   C N S 206 
LYS C    C N N 207 
LYS O    O N N 208 
LYS CB   C N N 209 
LYS CG   C N N 210 
LYS CD   C N N 211 
LYS CE   C N N 212 
LYS NZ   N N N 213 
LYS OXT  O N N 214 
LYS H    H N N 215 
LYS H2   H N N 216 
LYS HA   H N N 217 
LYS HB2  H N N 218 
LYS HB3  H N N 219 
LYS HG2  H N N 220 
LYS HG3  H N N 221 
LYS HD2  H N N 222 
LYS HD3  H N N 223 
LYS HE2  H N N 224 
LYS HE3  H N N 225 
LYS HZ1  H N N 226 
LYS HZ2  H N N 227 
LYS HZ3  H N N 228 
LYS HXT  H N N 229 
PRO N    N N N 230 
PRO CA   C N S 231 
PRO C    C N N 232 
PRO O    O N N 233 
PRO CB   C N N 234 
PRO CG   C N N 235 
PRO CD   C N N 236 
PRO OXT  O N N 237 
PRO H    H N N 238 
PRO HA   H N N 239 
PRO HB2  H N N 240 
PRO HB3  H N N 241 
PRO HG2  H N N 242 
PRO HG3  H N N 243 
PRO HD2  H N N 244 
PRO HD3  H N N 245 
PRO HXT  H N N 246 
SER N    N N N 247 
SER CA   C N S 248 
SER C    C N N 249 
SER O    O N N 250 
SER CB   C N N 251 
SER OG   O N N 252 
SER OXT  O N N 253 
SER H    H N N 254 
SER H2   H N N 255 
SER HA   H N N 256 
SER HB2  H N N 257 
SER HB3  H N N 258 
SER HG   H N N 259 
SER HXT  H N N 260 
THR N    N N N 261 
THR CA   C N S 262 
THR C    C N N 263 
THR O    O N N 264 
THR CB   C N R 265 
THR OG1  O N N 266 
THR CG2  C N N 267 
THR OXT  O N N 268 
THR H    H N N 269 
THR H2   H N N 270 
THR HA   H N N 271 
THR HB   H N N 272 
THR HG1  H N N 273 
THR HG21 H N N 274 
THR HG22 H N N 275 
THR HG23 H N N 276 
THR HXT  H N N 277 
TRP N    N N N 278 
TRP CA   C N S 279 
TRP C    C N N 280 
TRP O    O N N 281 
TRP CB   C N N 282 
TRP CG   C Y N 283 
TRP CD1  C Y N 284 
TRP CD2  C Y N 285 
TRP NE1  N Y N 286 
TRP CE2  C Y N 287 
TRP CE3  C Y N 288 
TRP CZ2  C Y N 289 
TRP CZ3  C Y N 290 
TRP CH2  C Y N 291 
TRP OXT  O N N 292 
TRP H    H N N 293 
TRP H2   H N N 294 
TRP HA   H N N 295 
TRP HB2  H N N 296 
TRP HB3  H N N 297 
TRP HD1  H N N 298 
TRP HE1  H N N 299 
TRP HE3  H N N 300 
TRP HZ2  H N N 301 
TRP HZ3  H N N 302 
TRP HH2  H N N 303 
TRP HXT  H N N 304 
TYR N    N N N 305 
TYR CA   C N S 306 
TYR C    C N N 307 
TYR O    O N N 308 
TYR CB   C N N 309 
TYR CG   C Y N 310 
TYR CD1  C Y N 311 
TYR CD2  C Y N 312 
TYR CE1  C Y N 313 
TYR CE2  C Y N 314 
TYR CZ   C Y N 315 
TYR OH   O N N 316 
TYR OXT  O N N 317 
TYR H    H N N 318 
TYR H2   H N N 319 
TYR HA   H N N 320 
TYR HB2  H N N 321 
TYR HB3  H N N 322 
TYR HD1  H N N 323 
TYR HD2  H N N 324 
TYR HE1  H N N 325 
TYR HE2  H N N 326 
TYR HH   H N N 327 
TYR HXT  H N N 328 
VAL N    N N N 329 
VAL CA   C N S 330 
VAL C    C N N 331 
VAL O    O N N 332 
VAL CB   C N N 333 
VAL CG1  C N N 334 
VAL CG2  C N N 335 
VAL OXT  O N N 336 
VAL H    H N N 337 
VAL H2   H N N 338 
VAL HA   H N N 339 
VAL HB   H N N 340 
VAL HG11 H N N 341 
VAL HG12 H N N 342 
VAL HG13 H N N 343 
VAL HG21 H N N 344 
VAL HG22 H N N 345 
VAL HG23 H N N 346 
VAL HXT  H N N 347 
# 
loop_
_chem_comp_bond.comp_id 
_chem_comp_bond.atom_id_1 
_chem_comp_bond.atom_id_2 
_chem_comp_bond.value_order 
_chem_comp_bond.pdbx_aromatic_flag 
_chem_comp_bond.pdbx_stereo_config 
_chem_comp_bond.pdbx_ordinal 
ALA N   CA   sing N N 1   
ALA N   H    sing N N 2   
ALA N   H2   sing N N 3   
ALA CA  C    sing N N 4   
ALA CA  CB   sing N N 5   
ALA CA  HA   sing N N 6   
ALA C   O    doub N N 7   
ALA C   OXT  sing N N 8   
ALA CB  HB1  sing N N 9   
ALA CB  HB2  sing N N 10  
ALA CB  HB3  sing N N 11  
ALA OXT HXT  sing N N 12  
ARG N   CA   sing N N 13  
ARG N   H    sing N N 14  
ARG N   H2   sing N N 15  
ARG CA  C    sing N N 16  
ARG CA  CB   sing N N 17  
ARG CA  HA   sing N N 18  
ARG C   O    doub N N 19  
ARG C   OXT  sing N N 20  
ARG CB  CG   sing N N 21  
ARG CB  HB2  sing N N 22  
ARG CB  HB3  sing N N 23  
ARG CG  CD   sing N N 24  
ARG CG  HG2  sing N N 25  
ARG CG  HG3  sing N N 26  
ARG CD  NE   sing N N 27  
ARG CD  HD2  sing N N 28  
ARG CD  HD3  sing N N 29  
ARG NE  CZ   sing N N 30  
ARG NE  HE   sing N N 31  
ARG CZ  NH1  sing N N 32  
ARG CZ  NH2  doub N N 33  
ARG NH1 HH11 sing N N 34  
ARG NH1 HH12 sing N N 35  
ARG NH2 HH21 sing N N 36  
ARG NH2 HH22 sing N N 37  
ARG OXT HXT  sing N N 38  
ASN N   CA   sing N N 39  
ASN N   H    sing N N 40  
ASN N   H2   sing N N 41  
ASN CA  C    sing N N 42  
ASN CA  CB   sing N N 43  
ASN CA  HA   sing N N 44  
ASN C   O    doub N N 45  
ASN C   OXT  sing N N 46  
ASN CB  CG   sing N N 47  
ASN CB  HB2  sing N N 48  
ASN CB  HB3  sing N N 49  
ASN CG  OD1  doub N N 50  
ASN CG  ND2  sing N N 51  
ASN ND2 HD21 sing N N 52  
ASN ND2 HD22 sing N N 53  
ASN OXT HXT  sing N N 54  
ASP N   CA   sing N N 55  
ASP N   H    sing N N 56  
ASP N   H2   sing N N 57  
ASP CA  C    sing N N 58  
ASP CA  CB   sing N N 59  
ASP CA  HA   sing N N 60  
ASP C   O    doub N N 61  
ASP C   OXT  sing N N 62  
ASP CB  CG   sing N N 63  
ASP CB  HB2  sing N N 64  
ASP CB  HB3  sing N N 65  
ASP CG  OD1  doub N N 66  
ASP CG  OD2  sing N N 67  
ASP OD2 HD2  sing N N 68  
ASP OXT HXT  sing N N 69  
CYS N   CA   sing N N 70  
CYS N   H    sing N N 71  
CYS N   H2   sing N N 72  
CYS CA  C    sing N N 73  
CYS CA  CB   sing N N 74  
CYS CA  HA   sing N N 75  
CYS C   O    doub N N 76  
CYS C   OXT  sing N N 77  
CYS CB  SG   sing N N 78  
CYS CB  HB2  sing N N 79  
CYS CB  HB3  sing N N 80  
CYS SG  HG   sing N N 81  
CYS OXT HXT  sing N N 82  
GLN N   CA   sing N N 83  
GLN N   H    sing N N 84  
GLN N   H2   sing N N 85  
GLN CA  C    sing N N 86  
GLN CA  CB   sing N N 87  
GLN CA  HA   sing N N 88  
GLN C   O    doub N N 89  
GLN C   OXT  sing N N 90  
GLN CB  CG   sing N N 91  
GLN CB  HB2  sing N N 92  
GLN CB  HB3  sing N N 93  
GLN CG  CD   sing N N 94  
GLN CG  HG2  sing N N 95  
GLN CG  HG3  sing N N 96  
GLN CD  OE1  doub N N 97  
GLN CD  NE2  sing N N 98  
GLN NE2 HE21 sing N N 99  
GLN NE2 HE22 sing N N 100 
GLN OXT HXT  sing N N 101 
GLU N   CA   sing N N 102 
GLU N   H    sing N N 103 
GLU N   H2   sing N N 104 
GLU CA  C    sing N N 105 
GLU CA  CB   sing N N 106 
GLU CA  HA   sing N N 107 
GLU C   O    doub N N 108 
GLU C   OXT  sing N N 109 
GLU CB  CG   sing N N 110 
GLU CB  HB2  sing N N 111 
GLU CB  HB3  sing N N 112 
GLU CG  CD   sing N N 113 
GLU CG  HG2  sing N N 114 
GLU CG  HG3  sing N N 115 
GLU CD  OE1  doub N N 116 
GLU CD  OE2  sing N N 117 
GLU OE2 HE2  sing N N 118 
GLU OXT HXT  sing N N 119 
GLY N   CA   sing N N 120 
GLY N   H    sing N N 121 
GLY N   H2   sing N N 122 
GLY CA  C    sing N N 123 
GLY CA  HA2  sing N N 124 
GLY CA  HA3  sing N N 125 
GLY C   O    doub N N 126 
GLY C   OXT  sing N N 127 
GLY OXT HXT  sing N N 128 
HIS N   CA   sing N N 129 
HIS N   H    sing N N 130 
HIS N   H2   sing N N 131 
HIS CA  C    sing N N 132 
HIS CA  CB   sing N N 133 
HIS CA  HA   sing N N 134 
HIS C   O    doub N N 135 
HIS C   OXT  sing N N 136 
HIS CB  CG   sing N N 137 
HIS CB  HB2  sing N N 138 
HIS CB  HB3  sing N N 139 
HIS CG  ND1  sing Y N 140 
HIS CG  CD2  doub Y N 141 
HIS ND1 CE1  doub Y N 142 
HIS ND1 HD1  sing N N 143 
HIS CD2 NE2  sing Y N 144 
HIS CD2 HD2  sing N N 145 
HIS CE1 NE2  sing Y N 146 
HIS CE1 HE1  sing N N 147 
HIS NE2 HE2  sing N N 148 
HIS OXT HXT  sing N N 149 
HOH O   H1   sing N N 150 
HOH O   H2   sing N N 151 
ILE N   CA   sing N N 152 
ILE N   H    sing N N 153 
ILE N   H2   sing N N 154 
ILE CA  C    sing N N 155 
ILE CA  CB   sing N N 156 
ILE CA  HA   sing N N 157 
ILE C   O    doub N N 158 
ILE C   OXT  sing N N 159 
ILE CB  CG1  sing N N 160 
ILE CB  CG2  sing N N 161 
ILE CB  HB   sing N N 162 
ILE CG1 CD1  sing N N 163 
ILE CG1 HG12 sing N N 164 
ILE CG1 HG13 sing N N 165 
ILE CG2 HG21 sing N N 166 
ILE CG2 HG22 sing N N 167 
ILE CG2 HG23 sing N N 168 
ILE CD1 HD11 sing N N 169 
ILE CD1 HD12 sing N N 170 
ILE CD1 HD13 sing N N 171 
ILE OXT HXT  sing N N 172 
LEU N   CA   sing N N 173 
LEU N   H    sing N N 174 
LEU N   H2   sing N N 175 
LEU CA  C    sing N N 176 
LEU CA  CB   sing N N 177 
LEU CA  HA   sing N N 178 
LEU C   O    doub N N 179 
LEU C   OXT  sing N N 180 
LEU CB  CG   sing N N 181 
LEU CB  HB2  sing N N 182 
LEU CB  HB3  sing N N 183 
LEU CG  CD1  sing N N 184 
LEU CG  CD2  sing N N 185 
LEU CG  HG   sing N N 186 
LEU CD1 HD11 sing N N 187 
LEU CD1 HD12 sing N N 188 
LEU CD1 HD13 sing N N 189 
LEU CD2 HD21 sing N N 190 
LEU CD2 HD22 sing N N 191 
LEU CD2 HD23 sing N N 192 
LEU OXT HXT  sing N N 193 
LYS N   CA   sing N N 194 
LYS N   H    sing N N 195 
LYS N   H2   sing N N 196 
LYS CA  C    sing N N 197 
LYS CA  CB   sing N N 198 
LYS CA  HA   sing N N 199 
LYS C   O    doub N N 200 
LYS C   OXT  sing N N 201 
LYS CB  CG   sing N N 202 
LYS CB  HB2  sing N N 203 
LYS CB  HB3  sing N N 204 
LYS CG  CD   sing N N 205 
LYS CG  HG2  sing N N 206 
LYS CG  HG3  sing N N 207 
LYS CD  CE   sing N N 208 
LYS CD  HD2  sing N N 209 
LYS CD  HD3  sing N N 210 
LYS CE  NZ   sing N N 211 
LYS CE  HE2  sing N N 212 
LYS CE  HE3  sing N N 213 
LYS NZ  HZ1  sing N N 214 
LYS NZ  HZ2  sing N N 215 
LYS NZ  HZ3  sing N N 216 
LYS OXT HXT  sing N N 217 
PRO N   CA   sing N N 218 
PRO N   CD   sing N N 219 
PRO N   H    sing N N 220 
PRO CA  C    sing N N 221 
PRO CA  CB   sing N N 222 
PRO CA  HA   sing N N 223 
PRO C   O    doub N N 224 
PRO C   OXT  sing N N 225 
PRO CB  CG   sing N N 226 
PRO CB  HB2  sing N N 227 
PRO CB  HB3  sing N N 228 
PRO CG  CD   sing N N 229 
PRO CG  HG2  sing N N 230 
PRO CG  HG3  sing N N 231 
PRO CD  HD2  sing N N 232 
PRO CD  HD3  sing N N 233 
PRO OXT HXT  sing N N 234 
SER N   CA   sing N N 235 
SER N   H    sing N N 236 
SER N   H2   sing N N 237 
SER CA  C    sing N N 238 
SER CA  CB   sing N N 239 
SER CA  HA   sing N N 240 
SER C   O    doub N N 241 
SER C   OXT  sing N N 242 
SER CB  OG   sing N N 243 
SER CB  HB2  sing N N 244 
SER CB  HB3  sing N N 245 
SER OG  HG   sing N N 246 
SER OXT HXT  sing N N 247 
THR N   CA   sing N N 248 
THR N   H    sing N N 249 
THR N   H2   sing N N 250 
THR CA  C    sing N N 251 
THR CA  CB   sing N N 252 
THR CA  HA   sing N N 253 
THR C   O    doub N N 254 
THR C   OXT  sing N N 255 
THR CB  OG1  sing N N 256 
THR CB  CG2  sing N N 257 
THR CB  HB   sing N N 258 
THR OG1 HG1  sing N N 259 
THR CG2 HG21 sing N N 260 
THR CG2 HG22 sing N N 261 
THR CG2 HG23 sing N N 262 
THR OXT HXT  sing N N 263 
TRP N   CA   sing N N 264 
TRP N   H    sing N N 265 
TRP N   H2   sing N N 266 
TRP CA  C    sing N N 267 
TRP CA  CB   sing N N 268 
TRP CA  HA   sing N N 269 
TRP C   O    doub N N 270 
TRP C   OXT  sing N N 271 
TRP CB  CG   sing N N 272 
TRP CB  HB2  sing N N 273 
TRP CB  HB3  sing N N 274 
TRP CG  CD1  doub Y N 275 
TRP CG  CD2  sing Y N 276 
TRP CD1 NE1  sing Y N 277 
TRP CD1 HD1  sing N N 278 
TRP CD2 CE2  doub Y N 279 
TRP CD2 CE3  sing Y N 280 
TRP NE1 CE2  sing Y N 281 
TRP NE1 HE1  sing N N 282 
TRP CE2 CZ2  sing Y N 283 
TRP CE3 CZ3  doub Y N 284 
TRP CE3 HE3  sing N N 285 
TRP CZ2 CH2  doub Y N 286 
TRP CZ2 HZ2  sing N N 287 
TRP CZ3 CH2  sing Y N 288 
TRP CZ3 HZ3  sing N N 289 
TRP CH2 HH2  sing N N 290 
TRP OXT HXT  sing N N 291 
TYR N   CA   sing N N 292 
TYR N   H    sing N N 293 
TYR N   H2   sing N N 294 
TYR CA  C    sing N N 295 
TYR CA  CB   sing N N 296 
TYR CA  HA   sing N N 297 
TYR C   O    doub N N 298 
TYR C   OXT  sing N N 299 
TYR CB  CG   sing N N 300 
TYR CB  HB2  sing N N 301 
TYR CB  HB3  sing N N 302 
TYR CG  CD1  doub Y N 303 
TYR CG  CD2  sing Y N 304 
TYR CD1 CE1  sing Y N 305 
TYR CD1 HD1  sing N N 306 
TYR CD2 CE2  doub Y N 307 
TYR CD2 HD2  sing N N 308 
TYR CE1 CZ   doub Y N 309 
TYR CE1 HE1  sing N N 310 
TYR CE2 CZ   sing Y N 311 
TYR CE2 HE2  sing N N 312 
TYR CZ  OH   sing N N 313 
TYR OH  HH   sing N N 314 
TYR OXT HXT  sing N N 315 
VAL N   CA   sing N N 316 
VAL N   H    sing N N 317 
VAL N   H2   sing N N 318 
VAL CA  C    sing N N 319 
VAL CA  CB   sing N N 320 
VAL CA  HA   sing N N 321 
VAL C   O    doub N N 322 
VAL C   OXT  sing N N 323 
VAL CB  CG1  sing N N 324 
VAL CB  CG2  sing N N 325 
VAL CB  HB   sing N N 326 
VAL CG1 HG11 sing N N 327 
VAL CG1 HG12 sing N N 328 
VAL CG1 HG13 sing N N 329 
VAL CG2 HG21 sing N N 330 
VAL CG2 HG22 sing N N 331 
VAL CG2 HG23 sing N N 332 
VAL OXT HXT  sing N N 333 
# 
_pdbx_initial_refinement_model.id               1 
_pdbx_initial_refinement_model.entity_id_list   ? 
_pdbx_initial_refinement_model.type             'experimental model' 
_pdbx_initial_refinement_model.source_name      PDB 
_pdbx_initial_refinement_model.accession_code   1SN1 
_pdbx_initial_refinement_model.details          1SN1.pdb 
# 
_atom_sites.entry_id                    1ZVG 
_atom_sites.fract_transf_matrix[1][1]   0.01254828 
_atom_sites.fract_transf_matrix[1][2]   0.00188557 
_atom_sites.fract_transf_matrix[1][3]   0.01685434 
_atom_sites.fract_transf_matrix[2][1]   0.00727777 
_atom_sites.fract_transf_matrix[2][2]   -0.02112784 
_atom_sites.fract_transf_matrix[2][3]   -0.00305473 
_atom_sites.fract_transf_matrix[3][1]   0.02893562 
_atom_sites.fract_transf_matrix[3][2]   0.01329710 
_atom_sites.fract_transf_matrix[3][3]   -0.02303057 
_atom_sites.fract_transf_vector[1]      0.955053 
_atom_sites.fract_transf_vector[2]      0.289143 
_atom_sites.fract_transf_vector[3]      0.330690 
# 
loop_
_atom_type.symbol 
C 
N 
O 
S 
# 
loop_
_atom_site.group_PDB 
_atom_site.id 
_atom_site.type_symbol 
_atom_site.label_atom_id 
_atom_site.label_alt_id 
_atom_site.label_comp_id 
_atom_site.label_asym_id 
_atom_site.label_entity_id 
_atom_site.label_seq_id 
_atom_site.pdbx_PDB_ins_code 
_atom_site.Cartn_x 
_atom_site.Cartn_y 
_atom_site.Cartn_z 
_atom_site.occupancy 
_atom_site.B_iso_or_equiv 
_atom_site.pdbx_formal_charge 
_atom_site.auth_seq_id 
_atom_site.auth_comp_id 
_atom_site.auth_asym_id 
_atom_site.auth_atom_id 
_atom_site.pdbx_PDB_model_num 
ATOM   1   N N   . ASN A 1 1  ? -13.605 10.278  5.103   1.00 25.76 ? 1   ASN A N   1 
ATOM   2   C CA  . ASN A 1 1  ? -13.773 9.377   3.929   1.00 24.67 ? 1   ASN A CA  1 
ATOM   3   C C   . ASN A 1 1  ? -13.423 7.932   4.296   1.00 23.08 ? 1   ASN A C   1 
ATOM   4   O O   . ASN A 1 1  ? -12.636 7.681   5.211   1.00 24.84 ? 1   ASN A O   1 
ATOM   5   C CB  . ASN A 1 1  ? -12.876 9.851   2.772   1.00 26.12 ? 1   ASN A CB  1 
ATOM   6   C CG  . ASN A 1 1  ? -13.240 9.205   1.452   1.00 27.15 ? 1   ASN A CG  1 
ATOM   7   O OD1 . ASN A 1 1  ? -13.293 7.981   1.343   1.00 29.45 ? 1   ASN A OD1 1 
ATOM   8   N ND2 . ASN A 1 1  ? -13.500 10.027  0.438   1.00 28.05 ? 1   ASN A ND2 1 
ATOM   9   N N   . SER A 1 2  ? -14.032 6.987   3.590   1.00 20.50 ? 2   SER A N   1 
ATOM   10  C CA  . SER A 1 2  ? -13.777 5.573   3.832   1.00 16.94 ? 2   SER A CA  1 
ATOM   11  C C   . SER A 1 2  ? -12.652 4.998   2.961   1.00 12.96 ? 2   SER A C   1 
ATOM   12  O O   . SER A 1 2  ? -12.426 3.791   2.993   1.00 12.59 ? 2   SER A O   1 
ATOM   13  C CB  . SER A 1 2  ? -15.056 4.765   3.613   1.00 18.20 ? 2   SER A CB  1 
ATOM   14  O OG  . SER A 1 2  ? -16.061 5.154   4.532   1.00 22.53 ? 2   SER A OG  1 
ATOM   15  N N   . VAL A 1 3  ? -11.973 5.842   2.182   1.00 11.10 ? 3   VAL A N   1 
ATOM   16  C CA  . VAL A 1 3  ? -10.861 5.396   1.349   1.00 9.66  ? 3   VAL A CA  1 
ATOM   17  C C   . VAL A 1 3  ? -9.718  6.402   1.430   1.00 9.28  ? 3   VAL A C   1 
ATOM   18  O O   . VAL A 1 3  ? -9.923  7.558   1.805   1.00 11.28 ? 3   VAL A O   1 
ATOM   19  C CB  . VAL A 1 3  ? -11.257 5.246   -0.155  1.00 9.90  ? 3   VAL A CB  1 
ATOM   20  C CG1 . VAL A 1 3  ? -12.401 4.249   -0.300  1.00 11.22 ? 3   VAL A CG1 1 
ATOM   21  C CG2 . VAL A 1 3  ? -11.632 6.598   -0.740  1.00 12.45 ? 3   VAL A CG2 1 
ATOM   22  N N   . ARG A 1 4  ? -8.511  5.955   1.102   1.00 7.06  ? 4   ARG A N   1 
ATOM   23  C CA  . ARG A 1 4  ? -7.353  6.833   1.107   1.00 7.83  ? 4   ARG A CA  1 
ATOM   24  C C   . ARG A 1 4  ? -6.247  6.276   0.221   1.00 7.19  ? 4   ARG A C   1 
ATOM   25  O O   . ARG A 1 4  ? -6.215  5.081   -0.082  1.00 8.16  ? 4   ARG A O   1 
ATOM   26  C CB  . ARG A 1 4  ? -6.819  7.033   2.538   1.00 8.67  ? 4   ARG A CB  1 
ATOM   27  C CG  . ARG A 1 4  ? -6.435  5.766   3.282   1.00 9.45  ? 4   ARG A CG  1 
ATOM   28  C CD  . ARG A 1 4  ? -7.595  5.106   3.991   1.00 9.55  ? 4   ARG A CD  1 
ATOM   29  N NE  . ARG A 1 4  ? -7.186  4.257   5.109   1.00 8.81  ? 4   ARG A NE  1 
ATOM   30  C CZ  . ARG A 1 4  ? -6.969  2.946   5.040   1.00 6.84  ? 4   ARG A CZ  1 
ATOM   31  N NH1 . ARG A 1 4  ? -6.604  2.289   6.132   1.00 8.99  ? 4   ARG A NH1 1 
ATOM   32  N NH2 . ARG A 1 4  ? -7.110  2.285   3.892   1.00 8.32  ? 4   ARG A NH2 1 
ATOM   33  N N   . ASP A 1 5  ? -5.373  7.171   -0.227  1.00 7.65  ? 5   ASP A N   1 
ATOM   34  C CA  . ASP A 1 5  ? -4.233  6.801   -1.055  1.00 6.86  ? 5   ASP A CA  1 
ATOM   35  C C   . ASP A 1 5  ? -3.060  6.685   -0.096  1.00 7.24  ? 5   ASP A C   1 
ATOM   36  O O   . ASP A 1 5  ? -2.762  7.632   0.627   1.00 8.69  ? 5   ASP A O   1 
ATOM   37  C CB  . ASP A 1 5  ? -3.906  7.891   -2.070  1.00 7.88  ? 5   ASP A CB  1 
ATOM   38  C CG  . ASP A 1 5  ? -5.016  8.143   -3.093  1.00 9.06  ? 5   ASP A CG  1 
ATOM   39  O OD1 . ASP A 1 5  ? -4.777  9.000   -3.940  1.00 12.80 ? 5   ASP A OD1 1 
ATOM   40  O OD2 . ASP A 1 5  ? -6.096  7.525   -3.081  1.00 9.83  ? 5   ASP A OD2 1 
ATOM   41  N N   . ALA A 1 6  ? -2.381  5.545   -0.103  1.00 6.61  ? 6   ALA A N   1 
ATOM   42  C CA  . ALA A 1 6  ? -1.258  5.344   0.810   1.00 6.34  ? 6   ALA A CA  1 
ATOM   43  C C   . ALA A 1 6  ? -0.563  4.028   0.515   1.00 5.56  ? 6   ALA A C   1 
ATOM   44  O O   . ALA A 1 6  ? -0.944  3.303   -0.404  1.00 5.53  ? 6   ALA A O   1 
ATOM   45  C CB  . ALA A 1 6  ? -1.764  5.336   2.254   1.00 9.32  ? 6   ALA A CB  1 
ATOM   46  N N   . TYR A 1 7  ? 0.505   3.755   1.249   1.00 5.40  ? 7   TYR A N   1 
ATOM   47  C CA  . TYR A 1 7  ? 1.153   2.465   1.133   1.00 4.89  ? 7   TYR A CA  1 
ATOM   48  C C   . TYR A 1 7  ? 0.252   1.447   1.866   1.00 5.30  ? 7   TYR A C   1 
ATOM   49  O O   . TYR A 1 7  ? -0.115  1.649   3.028   1.00 6.86  ? 7   TYR A O   1 
ATOM   50  C CB  . TYR A 1 7  ? 2.466   2.424   1.912   1.00 5.81  ? 7   TYR A CB  1 
ATOM   51  C CG  . TYR A 1 7  ? 3.676   3.106   1.332   1.00 5.59  ? 7   TYR A CG  1 
ATOM   52  C CD1 . TYR A 1 7  ? 4.663   2.372   0.695   1.00 7.59  ? 7   TYR A CD1 1 
ATOM   53  C CD2 . TYR A 1 7  ? 3.890   4.465   1.529   1.00 6.29  ? 7   TYR A CD2 1 
ATOM   54  C CE1 . TYR A 1 7  ? 5.835   2.978   0.245   1.00 8.29  ? 7   TYR A CE1 1 
ATOM   55  C CE2 . TYR A 1 7  ? 5.069   5.067   1.126   1.00 6.43  ? 7   TYR A CE2 1 
ATOM   56  C CZ  . TYR A 1 7  ? 6.029   4.322   0.471   1.00 6.24  ? 7   TYR A CZ  1 
ATOM   57  O OH  . TYR A 1 7  ? 7.201   4.925   0.064   1.00 8.70  ? 7   TYR A OH  1 
ATOM   58  N N   . ILE A 1 8  ? -0.113  0.367   1.195   1.00 5.68  ? 8   ILE A N   1 
ATOM   59  C CA  . ILE A 1 8  ? -0.863  -0.682  1.861   1.00 5.83  ? 8   ILE A CA  1 
ATOM   60  C C   . ILE A 1 8  ? 0.123   -1.366  2.832   1.00 5.75  ? 8   ILE A C   1 
ATOM   61  O O   . ILE A 1 8  ? 1.323   -1.456  2.565   1.00 6.81  ? 8   ILE A O   1 
ATOM   62  C CB  . ILE A 1 8  ? -1.434  -1.702  0.819   1.00 6.02  ? 8   ILE A CB  1 
ATOM   63  C CG1 . ILE A 1 8  ? -2.195  -2.810  1.541   1.00 6.54  ? 8   ILE A CG1 1 
ATOM   64  C CG2 . ILE A 1 8  ? -0.327  -2.258  -0.083  1.00 6.63  ? 8   ILE A CG2 1 
ATOM   65  C CD1 . ILE A 1 8  ? -2.978  -3.710  0.621   1.00 8.71  ? 8   ILE A CD1 1 
ATOM   66  N N   . ALA A 1 9  ? -0.374  -1.796  3.985   1.00 6.28  ? 9   ALA A N   1 
ATOM   67  C CA  . ALA A 1 9  ? 0.482   -2.457  4.957   1.00 6.55  ? 9   ALA A CA  1 
ATOM   68  C C   . ALA A 1 9  ? -0.193  -3.710  5.473   1.00 6.69  ? 9   ALA A C   1 
ATOM   69  O O   . ALA A 1 9  ? -1.383  -3.935  5.223   1.00 7.53  ? 9   ALA A O   1 
ATOM   70  C CB  . ALA A 1 9  ? 0.770   -1.519  6.129   1.00 7.52  ? 9   ALA A CB  1 
ATOM   71  N N   . ASP A 1 10 ? 0.589   -4.538  6.161   1.00 7.38  ? 10  ASP A N   1 
ATOM   72  C CA  . ASP A 1 10 ? 0.057   -5.753  6.760   1.00 8.59  ? 10  ASP A CA  1 
ATOM   73  C C   . ASP A 1 10 ? -0.295  -5.441  8.221   1.00 9.21  ? 10  ASP A C   1 
ATOM   74  O O   . ASP A 1 10 ? -0.314  -4.277  8.614   1.00 10.69 ? 10  ASP A O   1 
ATOM   75  C CB  . ASP A 1 10 ? 1.068   -6.903  6.676   1.00 9.14  ? 10  ASP A CB  1 
ATOM   76  C CG  . ASP A 1 10 ? 2.308   -6.670  7.491   1.00 9.74  ? 10  ASP A CG  1 
ATOM   77  O OD1 . ASP A 1 10 ? 3.193   -7.553  7.461   1.00 13.96 ? 10  ASP A OD1 1 
ATOM   78  O OD2 . ASP A 1 10 ? 2.456   -5.638  8.178   1.00 8.46  ? 10  ASP A OD2 1 
ATOM   79  N N   . SER A 1 11 ? -0.582  -6.472  9.012   1.00 10.38 ? 11  SER A N   1 
ATOM   80  C CA  . SER A 1 11 ? -0.965  -6.289  10.415  1.00 12.17 ? 11  SER A CA  1 
ATOM   81  C C   . SER A 1 11 ? 0.186   -5.898  11.334  1.00 11.60 ? 11  SER A C   1 
ATOM   82  O O   . SER A 1 11 ? -0.020  -5.676  12.527  1.00 13.30 ? 11  SER A O   1 
ATOM   83  C CB  . SER A 1 11 ? -1.612  -7.567  10.959  1.00 14.88 ? 11  SER A CB  1 
ATOM   84  O OG  . SER A 1 11 ? -0.697  -8.649  10.920  1.00 18.16 ? 11  SER A OG  1 
ATOM   85  N N   . HIS A 1 12 ? 1.393   -5.826  10.782  1.00 8.83  ? 12  HIS A N   1 
ATOM   86  C CA  . HIS A 1 12 ? 2.589   -5.467  11.540  1.00 8.30  ? 12  HIS A CA  1 
ATOM   87  C C   . HIS A 1 12 ? 3.077   -4.053  11.237  1.00 6.72  ? 12  HIS A C   1 
ATOM   88  O O   . HIS A 1 12 ? 4.144   -3.666  11.706  1.00 7.56  ? 12  HIS A O   1 
ATOM   89  C CB  . HIS A 1 12 ? 3.724   -6.435  11.206  1.00 9.93  ? 12  HIS A CB  1 
ATOM   90  C CG  . HIS A 1 12 ? 3.443   -7.854  11.583  1.00 13.66 ? 12  HIS A CG  1 
ATOM   91  N ND1 . HIS A 1 12 ? 3.479   -8.292  12.888  1.00 17.28 ? 12  HIS A ND1 1 
ATOM   92  C CD2 . HIS A 1 12 ? 3.105   -8.928  10.832  1.00 15.23 ? 12  HIS A CD2 1 
ATOM   93  C CE1 . HIS A 1 12 ? 3.183   -9.580  12.924  1.00 17.23 ? 12  HIS A CE1 1 
ATOM   94  N NE2 . HIS A 1 12 ? 2.949   -9.990  11.692  1.00 16.85 ? 12  HIS A NE2 1 
ATOM   95  N N   . ASN A 1 13 ? 2.300   -3.297  10.465  1.00 5.98  ? 13  ASN A N   1 
ATOM   96  C CA  . ASN A 1 13 ? 2.655   -1.940  10.034  1.00 6.13  ? 13  ASN A CA  1 
ATOM   97  C C   . ASN A 1 13 ? 3.882   -1.980  9.112   1.00 6.10  ? 13  ASN A C   1 
ATOM   98  O O   . ASN A 1 13 ? 4.750   -1.103  9.165   1.00 7.00  ? 13  ASN A O   1 
ATOM   99  C CB  . ASN A 1 13 ? 2.930   -1.016  11.227  1.00 6.87  ? 13  ASN A CB  1 
ATOM   100 C CG  . ASN A 1 13 ? 2.981   0.457   10.837  1.00 6.48  ? 13  ASN A CG  1 
ATOM   101 O OD1 . ASN A 1 13 ? 3.764   1.236   11.387  1.00 9.96  ? 13  ASN A OD1 1 
ATOM   102 N ND2 . ASN A 1 13 ? 2.146   0.841   9.889   1.00 5.68  ? 13  ASN A ND2 1 
ATOM   103 N N   . CYS A 1 14 ? 3.936   -3.002  8.264   1.00 5.82  ? 14  CYS A N   1 
ATOM   104 C CA  . CYS A 1 14 ? 5.023   -3.153  7.311   1.00 5.66  ? 14  CYS A CA  1 
ATOM   105 C C   . CYS A 1 14 ? 4.494   -3.013  5.892   1.00 5.60  ? 14  CYS A C   1 
ATOM   106 O O   . CYS A 1 14 ? 3.429   -3.540  5.560   1.00 6.32  ? 14  CYS A O   1 
ATOM   107 C CB  . CYS A 1 14 ? 5.677   -4.530  7.444   1.00 6.94  ? 14  CYS A CB  1 
ATOM   108 S SG  . CYS A 1 14 ? 6.228   -4.887  9.142   1.00 7.35  ? 14  CYS A SG  1 
ATOM   109 N N   . VAL A 1 15 ? 5.229   -2.285  5.062   1.00 6.00  ? 15  VAL A N   1 
ATOM   110 C CA  . VAL A 1 15 ? 4.833   -2.135  3.665   1.00 5.51  ? 15  VAL A CA  1 
ATOM   111 C C   . VAL A 1 15 ? 5.065   -3.437  2.913   1.00 5.23  ? 15  VAL A C   1 
ATOM   112 O O   . VAL A 1 15 ? 5.724   -4.352  3.409   1.00 7.08  ? 15  VAL A O   1 
ATOM   113 C CB  . VAL A 1 15 ? 5.621   -1.012  2.961   1.00 7.06  ? 15  VAL A CB  1 
ATOM   114 C CG1 . VAL A 1 15 ? 5.417   0.312   3.683   1.00 8.23  ? 15  VAL A CG1 1 
ATOM   115 C CG2 . VAL A 1 15 ? 7.102   -1.357  2.862   1.00 10.22 ? 15  VAL A CG2 1 
ATOM   116 N N   . TYR A 1 16 ? 4.516   -3.499  1.705   1.00 4.82  ? 16  TYR A N   1 
ATOM   117 C CA  . TYR A 1 16 ? 4.742   -4.625  0.820   1.00 5.09  ? 16  TYR A CA  1 
ATOM   118 C C   . TYR A 1 16 ? 5.765   -4.136  -0.208  1.00 4.23  ? 16  TYR A C   1 
ATOM   119 O O   . TYR A 1 16 ? 5.460   -3.275  -1.040  1.00 5.88  ? 16  TYR A O   1 
ATOM   120 C CB  . TYR A 1 16 ? 3.477   -5.031  0.075   1.00 5.40  ? 16  TYR A CB  1 
ATOM   121 C CG  . TYR A 1 16 ? 2.459   -5.746  0.925   1.00 6.09  ? 16  TYR A CG  1 
ATOM   122 C CD1 . TYR A 1 16 ? 1.627   -5.048  1.794   1.00 6.53  ? 16  TYR A CD1 1 
ATOM   123 C CD2 . TYR A 1 16 ? 2.321   -7.123  0.855   1.00 7.55  ? 16  TYR A CD2 1 
ATOM   124 C CE1 . TYR A 1 16 ? 0.677   -5.711  2.562   1.00 8.27  ? 16  TYR A CE1 1 
ATOM   125 C CE2 . TYR A 1 16 ? 1.376   -7.791  1.620   1.00 8.95  ? 16  TYR A CE2 1 
ATOM   126 C CZ  . TYR A 1 16 ? 0.556   -7.074  2.471   1.00 8.66  ? 16  TYR A CZ  1 
ATOM   127 O OH  . TYR A 1 16 ? -0.388  -7.716  3.239   1.00 11.83 ? 16  TYR A OH  1 
ATOM   128 N N   . GLU A 1 17 ? 6.981   -4.679  -0.141  1.00 4.77  ? 17  GLU A N   1 
ATOM   129 C CA  . GLU A 1 17 ? 8.003   -4.297  -1.109  1.00 4.78  ? 17  GLU A CA  1 
ATOM   130 C C   . GLU A 1 17 ? 7.597   -4.797  -2.489  1.00 4.58  ? 17  GLU A C   1 
ATOM   131 O O   . GLU A 1 17 ? 6.774   -5.709  -2.624  1.00 5.76  ? 17  GLU A O   1 
ATOM   132 C CB  . GLU A 1 17 ? 9.385   -4.810  -0.693  1.00 4.89  ? 17  GLU A CB  1 
ATOM   133 C CG  . GLU A 1 17 ? 9.933   -4.056  0.508   1.00 5.96  ? 17  GLU A CG  1 
ATOM   134 C CD  . GLU A 1 17 ? 11.405  -4.292  0.781   1.00 6.60  ? 17  GLU A CD  1 
ATOM   135 O OE1 . GLU A 1 17 ? 12.032  -5.152  0.115   1.00 6.86  ? 17  GLU A OE1 1 
ATOM   136 O OE2 . GLU A 1 17 ? 11.927  -3.599  1.687   1.00 8.26  ? 17  GLU A OE2 1 
ATOM   137 N N   . CYS A 1 18 ? 8.175   -4.201  -3.520  1.00 4.46  ? 18  CYS A N   1 
ATOM   138 C CA  . CYS A 1 18 ? 7.766   -4.536  -4.871  1.00 4.90  ? 18  CYS A CA  1 
ATOM   139 C C   . CYS A 1 18 ? 8.891   -4.436  -5.879  1.00 5.25  ? 18  CYS A C   1 
ATOM   140 O O   . CYS A 1 18 ? 9.840   -3.670  -5.704  1.00 5.18  ? 18  CYS A O   1 
ATOM   141 C CB  . CYS A 1 18 ? 6.622   -3.604  -5.290  1.00 5.10  ? 18  CYS A CB  1 
ATOM   142 S SG  . CYS A 1 18 ? 6.949   -1.821  -5.043  1.00 5.54  ? 18  CYS A SG  1 
ATOM   143 N N   . ALA A 1 19 ? 8.778   -5.250  -6.923  1.00 5.67  ? 19  ALA A N   1 
ATOM   144 C CA  . ALA A 1 19 ? 9.719   -5.236  -8.031  1.00 5.66  ? 19  ALA A CA  1 
ATOM   145 C C   . ALA A 1 19 ? 8.974   -4.855  -9.326  1.00 6.27  ? 19  ALA A C   1 
ATOM   146 O O   . ALA A 1 19 ? 9.611   -4.498  -10.315 1.00 8.43  ? 19  ALA A O   1 
ATOM   147 C CB  . ALA A 1 19 ? 10.372  -6.607  -8.209  1.00 7.20  ? 19  ALA A CB  1 
ATOM   148 N N   . ARG A 1 20 ? 7.649   -4.958  -9.316  1.00 5.75  ? 20  ARG A N   1 
ATOM   149 C CA  . ARG A 1 20 ? 6.839   -4.666  -10.495 1.00 6.77  ? 20  ARG A CA  1 
ATOM   150 C C   . ARG A 1 20 ? 5.620   -3.840  -10.150 1.00 6.37  ? 20  ARG A C   1 
ATOM   151 O O   . ARG A 1 20 ? 4.988   -4.043  -9.118  1.00 6.37  ? 20  ARG A O   1 
ATOM   152 C CB  . ARG A 1 20 ? 6.320   -5.969  -11.115 1.00 8.52  ? 20  ARG A CB  1 
ATOM   153 C CG  . ARG A 1 20 ? 7.378   -6.963  -11.548 1.00 11.17 ? 20  ARG A CG  1 
ATOM   154 C CD  . ARG A 1 20 ? 6.738   -8.195  -12.169 1.00 16.68 ? 20  ARG A CD  1 
ATOM   155 N NE  . ARG A 1 20 ? 5.741   -8.777  -11.282 1.00 20.97 ? 20  ARG A NE  1 
ATOM   156 C CZ  . ARG A 1 20 ? 4.759   -9.576  -11.684 1.00 22.88 ? 20  ARG A CZ  1 
ATOM   157 N NH1 . ARG A 1 20 ? 3.898   -10.059 -10.800 1.00 25.14 ? 20  ARG A NH1 1 
ATOM   158 N NH2 . ARG A 1 20 ? 4.640   -9.901  -12.965 1.00 24.68 ? 20  ARG A NH2 1 
ATOM   159 N N   . ASN A 1 21 ? 5.251   -2.942  -11.057 1.00 6.45  ? 21  ASN A N   1 
ATOM   160 C CA  . ASN A 1 21 ? 4.049   -2.143  -10.867 1.00 5.13  ? 21  ASN A CA  1 
ATOM   161 C C   . ASN A 1 21 ? 2.820   -3.058  -10.867 1.00 5.19  ? 21  ASN A C   1 
ATOM   162 O O   . ASN A 1 21 ? 1.879   -2.838  -10.101 1.00 5.71  ? 21  ASN A O   1 
ATOM   163 C CB  . ASN A 1 21 ? 3.899   -1.120  -11.999 1.00 6.28  ? 21  ASN A CB  1 
ATOM   164 C CG  . ASN A 1 21 ? 4.802   0.074   -11.820 1.00 6.57  ? 21  ASN A CG  1 
ATOM   165 O OD1 . ASN A 1 21 ? 4.824   0.696   -10.761 1.00 7.24  ? 21  ASN A OD1 1 
ATOM   166 N ND2 . ASN A 1 21 ? 5.549   0.413   -12.862 1.00 7.45  ? 21  ASN A ND2 1 
ATOM   167 N N   . GLU A 1 22 ? 2.842   -4.077  -11.724 1.00 5.75  ? 22  GLU A N   1 
ATOM   168 C CA  . GLU A 1 22 ? 1.737   -5.020  -11.850 1.00 6.61  ? 22  GLU A CA  1 
ATOM   169 C C   . GLU A 1 22 ? 1.420   -5.714  -10.525 1.00 5.77  ? 22  GLU A C   1 
ATOM   170 O O   . GLU A 1 22 ? 0.255   -5.914  -10.181 1.00 6.89  ? 22  GLU A O   1 
ATOM   171 C CB  . GLU A 1 22 ? 2.061   -6.060  -12.927 1.00 8.54  ? 22  GLU A CB  1 
ATOM   172 C CG  . GLU A 1 22 ? 2.196   -5.536  -14.359 1.00 15.07 ? 22  GLU A CG  1 
ATOM   173 C CD  . GLU A 1 22 ? 3.571   -4.943  -14.733 1.00 16.52 ? 22  GLU A CD  1 
ATOM   174 O OE1 . GLU A 1 22 ? 3.808   -4.797  -15.949 1.00 19.21 ? 22  GLU A OE1 1 
ATOM   175 O OE2 . GLU A 1 22 ? 4.402   -4.615  -13.858 1.00 13.64 ? 22  GLU A OE2 1 
ATOM   176 N N   . TYR A 1 23 ? 2.461   -6.104  -9.797  1.00 5.68  ? 23  TYR A N   1 
ATOM   177 C CA  . TYR A 1 23 ? 2.292   -6.756  -8.499  1.00 5.30  ? 23  TYR A CA  1 
ATOM   178 C C   . TYR A 1 23 ? 1.455   -5.867  -7.589  1.00 4.94  ? 23  TYR A C   1 
ATOM   179 O O   . TYR A 1 23 ? 0.547   -6.340  -6.911  1.00 6.01  ? 23  TYR A O   1 
ATOM   180 C CB  . TYR A 1 23 ? 3.667   -6.986  -7.865  1.00 5.64  ? 23  TYR A CB  1 
ATOM   181 C CG  . TYR A 1 23 ? 3.667   -7.431  -6.427  1.00 5.42  ? 23  TYR A CG  1 
ATOM   182 C CD1 . TYR A 1 23 ? 3.341   -8.735  -6.067  1.00 7.37  ? 23  TYR A CD1 1 
ATOM   183 C CD2 . TYR A 1 23 ? 4.002   -6.547  -5.422  1.00 6.57  ? 23  TYR A CD2 1 
ATOM   184 C CE1 . TYR A 1 23 ? 3.367   -9.132  -4.735  1.00 7.24  ? 23  TYR A CE1 1 
ATOM   185 C CE2 . TYR A 1 23 ? 4.016   -6.937  -4.096  1.00 7.11  ? 23  TYR A CE2 1 
ATOM   186 C CZ  . TYR A 1 23 ? 3.703   -8.231  -3.758  1.00 6.91  ? 23  TYR A CZ  1 
ATOM   187 O OH  . TYR A 1 23 ? 3.725   -8.628  -2.441  1.00 9.37  ? 23  TYR A OH  1 
ATOM   188 N N   . CYS A 1 24 ? 1.769   -4.573  -7.573  1.00 4.82  ? 24  CYS A N   1 
ATOM   189 C CA  . CYS A 1 24 ? 1.053   -3.623  -6.734  1.00 5.23  ? 24  CYS A CA  1 
ATOM   190 C C   . CYS A 1 24 ? -0.365  -3.349  -7.202  1.00 4.66  ? 24  CYS A C   1 
ATOM   191 O O   . CYS A 1 24 ? -1.268  -3.192  -6.382  1.00 5.28  ? 24  CYS A O   1 
ATOM   192 C CB  . CYS A 1 24 ? 1.823   -2.319  -6.654  1.00 4.48  ? 24  CYS A CB  1 
ATOM   193 S SG  . CYS A 1 24 ? 3.433   -2.484  -5.835  1.00 4.55  ? 24  CYS A SG  1 
ATOM   194 N N   . ASN A 1 25 ? -0.579  -3.264  -8.509  1.00 5.15  ? 25  ASN A N   1 
ATOM   195 C CA  . ASN A 1 25 ? -1.932  -3.033  -8.988  1.00 4.92  ? 25  ASN A CA  1 
ATOM   196 C C   . ASN A 1 25 ? -2.822  -4.197  -8.575  1.00 4.91  ? 25  ASN A C   1 
ATOM   197 O O   . ASN A 1 25 ? -3.951  -3.995  -8.126  1.00 6.30  ? 25  ASN A O   1 
ATOM   198 C CB  . ASN A 1 25 ? -1.966  -2.840  -10.500 1.00 6.33  ? 25  ASN A CB  1 
ATOM   199 C CG  . ASN A 1 25 ? -3.222  -2.134  -10.952 1.00 6.04  ? 25  ASN A CG  1 
ATOM   200 O OD1 . ASN A 1 25 ? -3.384  -0.940  -10.726 1.00 7.76  ? 25  ASN A OD1 1 
ATOM   201 N ND2 . ASN A 1 25 ? -4.131  -2.878  -11.570 1.00 8.16  ? 25  ASN A ND2 1 
ATOM   202 N N   . ASP A 1 26 ? -2.300  -5.411  -8.713  1.00 5.28  ? 26  ASP A N   1 
ATOM   203 C CA  . ASP A 1 26 ? -3.035  -6.618  -8.336  1.00 5.94  ? 26  ASP A CA  1 
ATOM   204 C C   . ASP A 1 26 ? -3.325  -6.636  -6.838  1.00 5.41  ? 26  ASP A C   1 
ATOM   205 O O   . ASP A 1 26 ? -4.460  -6.848  -6.413  1.00 6.56  ? 26  ASP A O   1 
ATOM   206 C CB  . ASP A 1 26 ? -2.212  -7.865  -8.693  1.00 8.11  ? 26  ASP A CB  1 
ATOM   207 C CG  . ASP A 1 26 ? -2.898  -9.154  -8.287  1.00 11.01 ? 26  ASP A CG  1 
ATOM   208 O OD1 . ASP A 1 26 ? -4.010  -9.447  -8.779  1.00 14.49 ? 26  ASP A OD1 1 
ATOM   209 O OD2 . ASP A 1 26 ? -2.363  -9.927  -7.463  1.00 14.24 ? 26  ASP A OD2 1 
ATOM   210 N N   . LEU A 1 27 ? -2.286  -6.417  -6.039  1.00 6.03  ? 27  LEU A N   1 
ATOM   211 C CA  . LEU A 1 27 ? -2.413  -6.424  -4.593  1.00 5.23  ? 27  LEU A CA  1 
ATOM   212 C C   . LEU A 1 27 ? -3.425  -5.390  -4.116  1.00 5.25  ? 27  LEU A C   1 
ATOM   213 O O   . LEU A 1 27 ? -4.284  -5.669  -3.288  1.00 6.40  ? 27  LEU A O   1 
ATOM   214 C CB  . LEU A 1 27 ? -1.044  -6.137  -3.971  1.00 5.44  ? 27  LEU A CB  1 
ATOM   215 C CG  . LEU A 1 27 ? -0.974  -5.984  -2.446  1.00 6.49  ? 27  LEU A CG  1 
ATOM   216 C CD1 . LEU A 1 27 ? -1.387  -7.279  -1.771  1.00 9.64  ? 27  LEU A CD1 1 
ATOM   217 C CD2 . LEU A 1 27 ? 0.438   -5.599  -2.041  1.00 8.49  ? 27  LEU A CD2 1 
ATOM   218 N N   . CYS A 1 28 ? -3.316  -4.188  -4.650  1.00 4.88  ? 28  CYS A N   1 
ATOM   219 C CA  . CYS A 1 28 ? -4.198  -3.104  -4.270  1.00 4.92  ? 28  CYS A CA  1 
ATOM   220 C C   . CYS A 1 28 ? -5.644  -3.351  -4.673  1.00 5.17  ? 28  CYS A C   1 
ATOM   221 O O   . CYS A 1 28 ? -6.547  -3.247  -3.844  1.00 6.19  ? 28  CYS A O   1 
ATOM   222 C CB  . CYS A 1 28 ? -3.703  -1.789  -4.897  1.00 4.15  ? 28  CYS A CB  1 
ATOM   223 S SG  . CYS A 1 28 ? -2.143  -1.153  -4.226  1.00 5.39  ? 28  CYS A SG  1 
ATOM   224 N N   . THR A 1 29 ? -5.870  -3.706  -5.933  1.00 5.76  ? 29  THR A N   1 
ATOM   225 C CA  . THR A 1 29 ? -7.234  -3.907  -6.385  1.00 6.51  ? 29  THR A CA  1 
ATOM   226 C C   . THR A 1 29 ? -7.933  -5.107  -5.772  1.00 7.10  ? 29  THR A C   1 
ATOM   227 O O   . THR A 1 29 ? -9.140  -5.067  -5.550  1.00 8.35  ? 29  THR A O   1 
ATOM   228 C CB  . THR A 1 29 ? -7.330  -3.987  -7.925  1.00 7.66  ? 29  THR A CB  1 
ATOM   229 O OG1 . THR A 1 29 ? -6.541  -5.077  -8.415  1.00 8.35  ? 29  THR A OG1 1 
ATOM   230 C CG2 . THR A 1 29 ? -6.797  -2.710  -8.568  1.00 8.72  ? 29  THR A CG2 1 
ATOM   231 N N   . LYS A 1 30 ? -7.204  -6.174  -5.470  1.00 7.35  ? 30  LYS A N   1 
ATOM   232 C CA  . LYS A 1 30 ? -7.867  -7.318  -4.861  1.00 9.26  ? 30  LYS A CA  1 
ATOM   233 C C   . LYS A 1 30 ? -8.279  -6.982  -3.427  1.00 9.62  ? 30  LYS A C   1 
ATOM   234 O O   . LYS A 1 30 ? -9.136  -7.653  -2.856  1.00 11.82 ? 30  LYS A O   1 
ATOM   235 C CB  . LYS A 1 30 ? -6.974  -8.566  -4.890  1.00 10.76 ? 30  LYS A CB  1 
ATOM   236 C CG  . LYS A 1 30 ? -5.791  -8.520  -3.969  1.00 13.61 ? 30  LYS A CG  1 
ATOM   237 C CD  . LYS A 1 30 ? -4.996  -9.816  -4.004  1.00 16.62 ? 30  LYS A CD  1 
ATOM   238 C CE  . LYS A 1 30 ? -4.500  -10.130 -5.402  1.00 17.59 ? 30  LYS A CE  1 
ATOM   239 N NZ  . LYS A 1 30 ? -3.700  -11.388 -5.448  1.00 14.39 ? 30  LYS A NZ  1 
ATOM   240 N N   . ASN A 1 31 ? -7.694  -5.924  -2.869  1.00 8.86  ? 31  ASN A N   1 
ATOM   241 C CA  . ASN A 1 31 ? -8.040  -5.472  -1.523  1.00 9.46  ? 31  ASN A CA  1 
ATOM   242 C C   . ASN A 1 31 ? -9.022  -4.304  -1.542  1.00 8.94  ? 31  ASN A C   1 
ATOM   243 O O   . ASN A 1 31 ? -9.237  -3.645  -0.523  1.00 10.74 ? 31  ASN A O   1 
ATOM   244 C CB  . ASN A 1 31 ? -6.777  -5.094  -0.757  1.00 10.34 ? 31  ASN A CB  1 
ATOM   245 C CG  . ASN A 1 31 ? -6.102  -6.291  -0.140  1.00 12.51 ? 31  ASN A CG  1 
ATOM   246 O OD1 . ASN A 1 31 ? -6.582  -6.840  0.852   1.00 16.55 ? 31  ASN A OD1 1 
ATOM   247 N ND2 . ASN A 1 31 ? -4.992  -6.717  -0.727  1.00 11.43 ? 31  ASN A ND2 1 
ATOM   248 N N   . GLY A 1 32 ? -9.630  -4.062  -2.700  1.00 8.47  ? 32  GLY A N   1 
ATOM   249 C CA  . GLY A 1 32 ? -10.649 -3.030  -2.794  1.00 9.07  ? 32  GLY A CA  1 
ATOM   250 C C   . GLY A 1 32 ? -10.276 -1.688  -3.363  1.00 8.11  ? 32  GLY A C   1 
ATOM   251 O O   . GLY A 1 32 ? -11.150 -0.849  -3.587  1.00 9.36  ? 32  GLY A O   1 
ATOM   252 N N   . ALA A 1 33 ? -8.988  -1.463  -3.595  1.00 7.68  ? 33  ALA A N   1 
ATOM   253 C CA  . ALA A 1 33 ? -8.535  -0.192  -4.148  1.00 7.85  ? 33  ALA A CA  1 
ATOM   254 C C   . ALA A 1 33 ? -8.866  -0.103  -5.629  1.00 7.72  ? 33  ALA A C   1 
ATOM   255 O O   . ALA A 1 33 ? -9.218  -1.099  -6.256  1.00 8.88  ? 33  ALA A O   1 
ATOM   256 C CB  . ALA A 1 33 ? -7.040  -0.046  -3.948  1.00 7.09  ? 33  ALA A CB  1 
ATOM   257 N N   . LYS A 1 34 ? -8.739  1.096   -6.187  1.00 7.71  ? 34  LYS A N   1 
ATOM   258 C CA  . LYS A 1 34 ? -9.011  1.314   -7.602  1.00 7.61  ? 34  LYS A CA  1 
ATOM   259 C C   . LYS A 1 34 ? -7.828  0.945   -8.498  1.00 7.16  ? 34  LYS A C   1 
ATOM   260 O O   . LYS A 1 34 ? -8.011  0.490   -9.621  1.00 7.99  ? 34  LYS A O   1 
ATOM   261 C CB  . LYS A 1 34 ? -9.413  2.770   -7.834  1.00 9.78  ? 34  LYS A CB  1 
ATOM   262 C CG  . LYS A 1 34 ? -10.791 3.128   -7.271  1.00 12.35 ? 34  LYS A CG  1 
ATOM   263 C CD  . LYS A 1 34 ? -11.901 2.311   -7.929  1.00 16.23 ? 34  LYS A CD  1 
ATOM   264 C CE  . LYS A 1 34 ? -13.287 2.752   -7.461  1.00 18.33 ? 34  LYS A CE  1 
ATOM   265 N NZ  . LYS A 1 34 ? -13.488 2.533   -6.009  1.00 21.00 ? 34  LYS A NZ  1 
ATOM   266 N N   . SER A 1 35 ? -6.614  1.141   -7.995  1.00 6.71  ? 35  SER A N   1 
ATOM   267 C CA  . SER A 1 35 ? -5.398  0.833   -8.739  1.00 5.85  ? 35  SER A CA  1 
ATOM   268 C C   . SER A 1 35 ? -4.219  0.928   -7.795  1.00 5.22  ? 35  SER A C   1 
ATOM   269 O O   . SER A 1 35 ? -4.378  1.285   -6.627  1.00 5.96  ? 35  SER A O   1 
ATOM   270 C CB  . SER A 1 35 ? -5.213  1.817   -9.895  1.00 7.15  ? 35  SER A CB  1 
ATOM   271 O OG  . SER A 1 35 ? -4.958  3.125   -9.414  1.00 8.58  ? 35  SER A OG  1 
ATOM   272 N N   . GLY A 1 36 ? -3.034  0.609   -8.301  1.00 5.20  ? 36  GLY A N   1 
ATOM   273 C CA  . GLY A 1 36 ? -1.844  0.708   -7.478  1.00 6.53  ? 36  GLY A CA  1 
ATOM   274 C C   . GLY A 1 36 ? -0.593  0.626   -8.329  1.00 5.85  ? 36  GLY A C   1 
ATOM   275 O O   . GLY A 1 36 ? -0.633  0.213   -9.487  1.00 6.96  ? 36  GLY A O   1 
ATOM   276 N N   . TYR A 1 37 ? 0.530   1.009   -7.739  1.00 5.01  ? 37  TYR A N   1 
ATOM   277 C CA  . TYR A 1 37 ? 1.802   0.960   -8.437  1.00 4.67  ? 37  TYR A CA  1 
ATOM   278 C C   . TYR A 1 37 ? 2.930   0.813   -7.435  1.00 4.53  ? 37  TYR A C   1 
ATOM   279 O O   . TYR A 1 37 ? 2.746   1.001   -6.229  1.00 5.80  ? 37  TYR A O   1 
ATOM   280 C CB  . TYR A 1 37 ? 1.999   2.211   -9.301  1.00 5.98  ? 37  TYR A CB  1 
ATOM   281 C CG  . TYR A 1 37 ? 1.935   3.526   -8.570  1.00 6.64  ? 37  TYR A CG  1 
ATOM   282 C CD1 . TYR A 1 37 ? 3.062   4.061   -7.967  1.00 7.50  ? 37  TYR A CD1 1 
ATOM   283 C CD2 . TYR A 1 37 ? 0.747   4.247   -8.491  1.00 6.98  ? 37  TYR A CD2 1 
ATOM   284 C CE1 . TYR A 1 37 ? 3.016   5.280   -7.312  1.00 9.55  ? 37  TYR A CE1 1 
ATOM   285 C CE2 . TYR A 1 37 ? 0.683   5.467   -7.830  1.00 8.92  ? 37  TYR A CE2 1 
ATOM   286 C CZ  . TYR A 1 37 ? 1.829   5.980   -7.251  1.00 9.32  ? 37  TYR A CZ  1 
ATOM   287 O OH  . TYR A 1 37 ? 1.800   7.196   -6.605  1.00 11.39 ? 37  TYR A OH  1 
ATOM   288 N N   . CYS A 1 38 ? 4.098   0.464   -7.956  1.00 4.56  ? 38  CYS A N   1 
ATOM   289 C CA  . CYS A 1 38 ? 5.280   0.283   -7.138  1.00 4.96  ? 38  CYS A CA  1 
ATOM   290 C C   . CYS A 1 38 ? 6.018   1.593   -6.979  1.00 4.93  ? 38  CYS A C   1 
ATOM   291 O O   . CYS A 1 38 ? 6.312   2.290   -7.954  1.00 6.90  ? 38  CYS A O   1 
ATOM   292 C CB  . CYS A 1 38 ? 6.196   -0.754  -7.780  1.00 4.84  ? 38  CYS A CB  1 
ATOM   293 S SG  . CYS A 1 38 ? 7.690   -1.165  -6.817  1.00 6.07  ? 38  CYS A SG  1 
ATOM   294 N N   . GLN A 1 39 ? 6.316   1.927   -5.732  1.00 6.38  ? 39  GLN A N   1 
ATOM   295 C CA  . GLN A 1 39 ? 7.140   3.083   -5.450  1.00 9.29  ? 39  GLN A CA  1 
ATOM   296 C C   . GLN A 1 39 ? 8.551   2.571   -5.146  1.00 9.88  ? 39  GLN A C   1 
ATOM   297 O O   . GLN A 1 39 ? 8.751   1.813   -4.203  1.00 11.15 ? 39  GLN A O   1 
ATOM   298 C CB  . GLN A 1 39 ? 6.622   3.862   -4.241  1.00 11.22 ? 39  GLN A CB  1 
ATOM   299 C CG  . GLN A 1 39 ? 5.322   4.546   -4.546  1.00 15.86 ? 39  GLN A CG  1 
ATOM   300 C CD  . GLN A 1 39 ? 5.025   5.733   -3.646  1.00 19.15 ? 39  GLN A CD  1 
ATOM   301 O OE1 . GLN A 1 39 ? 4.398   6.690   -4.083  1.00 21.83 ? 39  GLN A OE1 1 
ATOM   302 N NE2 . GLN A 1 39 ? 5.447   5.668   -2.395  1.00 19.64 ? 39  GLN A NE2 1 
ATOM   303 N N   . TRP A 1 40 ? 9.528   2.979   -5.957  1.00 9.69  ? 40  TRP A N   1 
ATOM   304 C CA  . TRP A 1 40 ? 10.916  2.585   -5.719  1.00 12.07 ? 40  TRP A CA  1 
ATOM   305 C C   . TRP A 1 40 ? 11.582  3.649   -4.846  1.00 13.05 ? 40  TRP A C   1 
ATOM   306 O O   . TRP A 1 40 ? 12.708  3.478   -4.376  1.00 15.51 ? 40  TRP A O   1 
ATOM   307 C CB  . TRP A 1 40 ? 11.665  2.418   -7.042  1.00 12.31 ? 40  TRP A CB  1 
ATOM   308 C CG  . TRP A 1 40 ? 11.376  1.106   -7.702  1.00 12.51 ? 40  TRP A CG  1 
ATOM   309 C CD1 . TRP A 1 40 ? 12.016  -0.082  -7.488  1.00 13.20 ? 40  TRP A CD1 1 
ATOM   310 C CD2 . TRP A 1 40 ? 10.362  0.843   -8.679  1.00 11.75 ? 40  TRP A CD2 1 
ATOM   311 N NE1 . TRP A 1 40 ? 11.466  -1.067  -8.274  1.00 14.07 ? 40  TRP A NE1 1 
ATOM   312 C CE2 . TRP A 1 40 ? 10.451  -0.526  -9.018  1.00 12.46 ? 40  TRP A CE2 1 
ATOM   313 C CE3 . TRP A 1 40 ? 9.391   1.631   -9.306  1.00 12.51 ? 40  TRP A CE3 1 
ATOM   314 C CZ2 . TRP A 1 40 ? 9.603   -1.123  -9.946  1.00 12.85 ? 40  TRP A CZ2 1 
ATOM   315 C CZ3 . TRP A 1 40 ? 8.551   1.033   -10.229 1.00 12.92 ? 40  TRP A CZ3 1 
ATOM   316 C CH2 . TRP A 1 40 ? 8.664   -0.326  -10.540 1.00 14.18 ? 40  TRP A CH2 1 
ATOM   317 N N   . VAL A 1 41 ? 10.856  4.741   -4.636  1.00 12.02 ? 41  VAL A N   1 
ATOM   318 C CA  . VAL A 1 41 ? 11.285  5.848   -3.793  1.00 13.62 ? 41  VAL A CA  1 
ATOM   319 C C   . VAL A 1 41 ? 9.996   6.431   -3.241  1.00 12.92 ? 41  VAL A C   1 
ATOM   320 O O   . VAL A 1 41 ? 8.990   6.496   -3.950  1.00 12.98 ? 41  VAL A O   1 
ATOM   321 C CB  . VAL A 1 41 ? 12.071  6.928   -4.604  1.00 14.65 ? 41  VAL A CB  1 
ATOM   322 C CG1 . VAL A 1 41 ? 11.207  7.494   -5.719  1.00 15.48 ? 41  VAL A CG1 1 
ATOM   323 C CG2 . VAL A 1 41 ? 12.534  8.033   -3.674  1.00 17.39 ? 41  VAL A CG2 1 
ATOM   324 N N   . GLY A 1 42 ? 10.012  6.822   -1.968  1.00 12.48 ? 42  GLY A N   1 
ATOM   325 C CA  . GLY A 1 42 ? 8.825   7.388   -1.345  1.00 11.39 ? 42  GLY A CA  1 
ATOM   326 C C   . GLY A 1 42 ? 9.048   7.680   0.128   1.00 10.41 ? 42  GLY A C   1 
ATOM   327 O O   . GLY A 1 42 ? 10.149  7.517   0.635   1.00 10.57 ? 42  GLY A O   1 
ATOM   328 N N   . LYS A 1 43 ? 7.991   8.102   0.813   1.00 10.17 ? 43  LYS A N   1 
ATOM   329 C CA  . LYS A 1 43 ? 8.067   8.455   2.223   1.00 10.78 ? 43  LYS A CA  1 
ATOM   330 C C   . LYS A 1 43 ? 8.673   7.369   3.113   1.00 9.37  ? 43  LYS A C   1 
ATOM   331 O O   . LYS A 1 43 ? 9.410   7.659   4.059   1.00 10.95 ? 43  LYS A O   1 
ATOM   332 C CB  . LYS A 1 43 ? 6.665   8.815   2.731   1.00 11.26 ? 43  LYS A CB  1 
ATOM   333 C CG  . LYS A 1 43 ? 6.641   9.353   4.143   1.00 12.97 ? 43  LYS A CG  1 
ATOM   334 C CD  . LYS A 1 43 ? 5.224   9.686   4.570   1.00 14.88 ? 43  LYS A CD  1 
ATOM   335 C CE  . LYS A 1 43 ? 5.198   10.326  5.944   1.00 17.08 ? 43  LYS A CE  1 
ATOM   336 N NZ  . LYS A 1 43 ? 5.835   11.670  5.929   1.00 21.03 ? 43  LYS A NZ  1 
ATOM   337 N N   . TYR A 1 44 ? 8.367   6.117   2.794   1.00 8.92  ? 44  TYR A N   1 
ATOM   338 C CA  . TYR A 1 44 ? 8.842   4.979   3.567   1.00 9.09  ? 44  TYR A CA  1 
ATOM   339 C C   . TYR A 1 44 ? 9.709   4.036   2.728   1.00 9.54  ? 44  TYR A C   1 
ATOM   340 O O   . TYR A 1 44 ? 9.902   2.883   3.092   1.00 13.02 ? 44  TYR A O   1 
ATOM   341 C CB  . TYR A 1 44 ? 7.651   4.211   4.150   1.00 9.67  ? 44  TYR A CB  1 
ATOM   342 C CG  . TYR A 1 44 ? 6.833   5.009   5.137   1.00 9.02  ? 44  TYR A CG  1 
ATOM   343 C CD1 . TYR A 1 44 ? 7.357   5.356   6.378   1.00 10.49 ? 44  TYR A CD1 1 
ATOM   344 C CD2 . TYR A 1 44 ? 5.536   5.410   4.836   1.00 9.35  ? 44  TYR A CD2 1 
ATOM   345 C CE1 . TYR A 1 44 ? 6.614   6.078   7.289   1.00 10.51 ? 44  TYR A CE1 1 
ATOM   346 C CE2 . TYR A 1 44 ? 4.780   6.137   5.746   1.00 9.30  ? 44  TYR A CE2 1 
ATOM   347 C CZ  . TYR A 1 44 ? 5.328   6.467   6.977   1.00 9.49  ? 44  TYR A CZ  1 
ATOM   348 O OH  . TYR A 1 44 ? 4.599   7.188   7.894   1.00 10.71 ? 44  TYR A OH  1 
ATOM   349 N N   . GLY A 1 45 ? 10.240  4.533   1.614   1.00 7.90  ? 45  GLY A N   1 
ATOM   350 C CA  . GLY A 1 45 ? 11.072  3.713   0.755   1.00 8.73  ? 45  GLY A CA  1 
ATOM   351 C C   . GLY A 1 45 ? 10.248  2.881   -0.206  1.00 6.62  ? 45  GLY A C   1 
ATOM   352 O O   . GLY A 1 45 ? 9.114   3.214   -0.534  1.00 7.99  ? 45  GLY A O   1 
ATOM   353 N N   . ASN A 1 46 ? 10.824  1.780   -0.655  1.00 6.71  ? 46  ASN A N   1 
ATOM   354 C CA  . ASN A 1 46 ? 10.162  0.901   -1.602  1.00 5.68  ? 46  ASN A CA  1 
ATOM   355 C C   . ASN A 1 46 ? 8.887   0.279   -1.044  1.00 4.84  ? 46  ASN A C   1 
ATOM   356 O O   . ASN A 1 46 ? 8.860   -0.201  0.085   1.00 6.20  ? 46  ASN A O   1 
ATOM   357 C CB  . ASN A 1 46 ? 11.131  -0.216  -1.992  1.00 6.44  ? 46  ASN A CB  1 
ATOM   358 C CG  . ASN A 1 46 ? 10.533  -1.193  -2.978  1.00 5.54  ? 46  ASN A CG  1 
ATOM   359 O OD1 . ASN A 1 46 ? 10.769  -1.116  -4.185  1.00 9.57  ? 46  ASN A OD1 1 
ATOM   360 N ND2 . ASN A 1 46 ? 9.746   -2.112  -2.469  1.00 4.84  ? 46  ASN A ND2 1 
ATOM   361 N N   . GLY A 1 47 ? 7.826   0.304   -1.837  1.00 5.31  ? 47  GLY A N   1 
ATOM   362 C CA  . GLY A 1 47 ? 6.594   -0.326  -1.435  1.00 5.46  ? 47  GLY A CA  1 
ATOM   363 C C   . GLY A 1 47 ? 5.434   -0.003  -2.350  1.00 4.30  ? 47  GLY A C   1 
ATOM   364 O O   . GLY A 1 47 ? 5.470   0.975   -3.092  1.00 5.45  ? 47  GLY A O   1 
ATOM   365 N N   . CYS A 1 48 ? 4.397   -0.821  -2.281  1.00 4.00  ? 48  CYS A N   1 
ATOM   366 C CA  . CYS A 1 48 ? 3.212   -0.606  -3.086  1.00 4.00  ? 48  CYS A CA  1 
ATOM   367 C C   . CYS A 1 48 ? 2.367   0.542   -2.561  1.00 3.98  ? 48  CYS A C   1 
ATOM   368 O O   . CYS A 1 48 ? 2.113   0.650   -1.359  1.00 6.10  ? 48  CYS A O   1 
ATOM   369 C CB  . CYS A 1 48 ? 2.350   -1.851  -3.079  1.00 4.95  ? 48  CYS A CB  1 
ATOM   370 S SG  . CYS A 1 48 ? 3.002   -3.258  -4.014  1.00 4.75  ? 48  CYS A SG  1 
ATOM   371 N N   . TRP A 1 49 ? 1.929   1.385   -3.491  1.00 4.58  ? 49  TRP A N   1 
ATOM   372 C CA  . TRP A 1 49 ? 1.069   2.525   -3.198  1.00 4.51  ? 49  TRP A CA  1 
ATOM   373 C C   . TRP A 1 49 ? -0.276  2.227   -3.850  1.00 5.18  ? 49  TRP A C   1 
ATOM   374 O O   . TRP A 1 49 ? -0.337  1.881   -5.026  1.00 6.30  ? 49  TRP A O   1 
ATOM   375 C CB  . TRP A 1 49 ? 1.666   3.798   -3.790  1.00 6.36  ? 49  TRP A CB  1 
ATOM   376 C CG  . TRP A 1 49 ? 0.890   5.033   -3.520  1.00 6.87  ? 49  TRP A CG  1 
ATOM   377 C CD1 . TRP A 1 49 ? -0.090  5.571   -4.293  1.00 7.03  ? 49  TRP A CD1 1 
ATOM   378 C CD2 . TRP A 1 49 ? 1.052   5.914   -2.411  1.00 6.98  ? 49  TRP A CD2 1 
ATOM   379 N NE1 . TRP A 1 49 ? -0.557  6.737   -3.737  1.00 8.29  ? 49  TRP A NE1 1 
ATOM   380 C CE2 . TRP A 1 49 ? 0.136   6.976   -2.580  1.00 7.89  ? 49  TRP A CE2 1 
ATOM   381 C CE3 . TRP A 1 49 ? 1.896   5.925   -1.295  1.00 8.35  ? 49  TRP A CE3 1 
ATOM   382 C CZ2 . TRP A 1 49 ? 0.026   8.023   -1.671  1.00 8.75  ? 49  TRP A CZ2 1 
ATOM   383 C CZ3 . TRP A 1 49 ? 1.787   6.969   -0.391  1.00 9.21  ? 49  TRP A CZ3 1 
ATOM   384 C CH2 . TRP A 1 49 ? 0.861   7.999   -0.589  1.00 9.75  ? 49  TRP A CH2 1 
ATOM   385 N N   . CYS A 1 50 ? -1.348  2.359   -3.079  1.00 4.63  ? 50  CYS A N   1 
ATOM   386 C CA  . CYS A 1 50 ? -2.694  2.095   -3.565  1.00 5.21  ? 50  CYS A CA  1 
ATOM   387 C C   . CYS A 1 50 ? -3.517  3.362   -3.643  1.00 5.93  ? 50  CYS A C   1 
ATOM   388 O O   . CYS A 1 50 ? -3.388  4.247   -2.800  1.00 7.00  ? 50  CYS A O   1 
ATOM   389 C CB  . CYS A 1 50 ? -3.426  1.141   -2.645  1.00 5.69  ? 50  CYS A CB  1 
ATOM   390 S SG  . CYS A 1 50 ? -2.654  -0.477  -2.382  1.00 5.87  ? 50  CYS A SG  1 
ATOM   391 N N   . ILE A 1 51 ? -4.375  3.426   -4.653  1.00 5.48  ? 51  ILE A N   1 
ATOM   392 C CA  . ILE A 1 51 ? -5.267  4.554   -4.853  1.00 5.77  ? 51  ILE A CA  1 
ATOM   393 C C   . ILE A 1 51 ? -6.655  4.139   -4.350  1.00 5.71  ? 51  ILE A C   1 
ATOM   394 O O   . ILE A 1 51 ? -7.206  3.127   -4.780  1.00 6.54  ? 51  ILE A O   1 
ATOM   395 C CB  . ILE A 1 51 ? -5.381  4.917   -6.357  1.00 7.16  ? 51  ILE A CB  1 
ATOM   396 C CG1 . ILE A 1 51 ? -4.004  5.316   -6.900  1.00 10.00 ? 51  ILE A CG1 1 
ATOM   397 C CG2 . ILE A 1 51 ? -6.389  6.025   -6.555  1.00 7.58  ? 51  ILE A CG2 1 
ATOM   398 C CD1 . ILE A 1 51 ? -3.372  6.475   -6.188  1.00 11.87 ? 51  ILE A CD1 1 
ATOM   399 N N   . GLU A 1 52 ? -7.200  4.932   -3.435  1.00 6.04  ? 52  GLU A N   1 
ATOM   400 C CA  . GLU A 1 52 ? -8.528  4.707   -2.870  1.00 7.04  ? 52  GLU A CA  1 
ATOM   401 C C   . GLU A 1 52 ? -8.691  3.349   -2.202  1.00 6.63  ? 52  GLU A C   1 
ATOM   402 O O   . GLU A 1 52 ? -9.631  2.601   -2.474  1.00 7.32  ? 52  GLU A O   1 
ATOM   403 C CB  . GLU A 1 52 ? -9.615  4.913   -3.949  1.00 10.42 ? 52  GLU A CB  1 
ATOM   404 C CG  . GLU A 1 52 ? -9.747  6.366   -4.390  1.00 14.98 ? 52  GLU A CG  1 
ATOM   405 C CD  . GLU A 1 52 ? -10.984 6.644   -5.236  1.00 17.12 ? 52  GLU A CD  1 
ATOM   406 O OE1 . GLU A 1 52 ? -11.162 7.811   -5.639  1.00 22.27 ? 52  GLU A OE1 1 
ATOM   407 O OE2 . GLU A 1 52 ? -11.777 5.716   -5.500  1.00 20.94 ? 52  GLU A OE2 1 
ATOM   408 N N   . LEU A 1 53 ? -7.770  3.044   -1.298  1.00 5.52  ? 53  LEU A N   1 
ATOM   409 C CA  . LEU A 1 53 ? -7.817  1.792   -0.549  1.00 5.66  ? 53  LEU A CA  1 
ATOM   410 C C   . LEU A 1 53 ? -8.836  1.937   0.591   1.00 5.31  ? 53  LEU A C   1 
ATOM   411 O O   . LEU A 1 53 ? -8.742  2.872   1.386   1.00 6.16  ? 53  LEU A O   1 
ATOM   412 C CB  . LEU A 1 53 ? -6.432  1.496   0.015   1.00 6.08  ? 53  LEU A CB  1 
ATOM   413 C CG  . LEU A 1 53 ? -6.292  0.175   0.774   1.00 6.68  ? 53  LEU A CG  1 
ATOM   414 C CD1 . LEU A 1 53 ? -6.381  -0.998  -0.193  1.00 8.77  ? 53  LEU A CD1 1 
ATOM   415 C CD2 . LEU A 1 53 ? -4.963  0.160   1.504   1.00 8.19  ? 53  LEU A CD2 1 
ATOM   416 N N   . PRO A 1 54 ? -9.818  1.035   0.679   1.00 5.80  ? 54  PRO A N   1 
ATOM   417 C CA  . PRO A 1 54 ? -10.821 1.133   1.748   1.00 6.32  ? 54  PRO A CA  1 
ATOM   418 C C   . PRO A 1 54 ? -10.224 0.997   3.146   1.00 5.98  ? 54  PRO A C   1 
ATOM   419 O O   . PRO A 1 54 ? -9.237  0.280   3.348   1.00 6.20  ? 54  PRO A O   1 
ATOM   420 C CB  . PRO A 1 54 ? -11.776 -0.018  1.431   1.00 7.12  ? 54  PRO A CB  1 
ATOM   421 C CG  . PRO A 1 54 ? -11.629 -0.206  -0.048  1.00 8.87  ? 54  PRO A CG  1 
ATOM   422 C CD  . PRO A 1 54 ? -10.153 -0.041  -0.266  1.00 6.84  ? 54  PRO A CD  1 
ATOM   423 N N   . ASP A 1 55 ? -10.845 1.675   4.110   1.00 6.78  ? 55  ASP A N   1 
ATOM   424 C CA  . ASP A 1 55 ? -10.322 1.736   5.467   1.00 7.87  ? 55  ASP A CA  1 
ATOM   425 C C   . ASP A 1 55 ? -10.433 0.512   6.349   1.00 7.68  ? 55  ASP A C   1 
ATOM   426 O O   . ASP A 1 55 ? -10.147 0.583   7.539   1.00 9.65  ? 55  ASP A O   1 
ATOM   427 C CB  . ASP A 1 55 ? -10.828 2.989   6.198   1.00 10.95 ? 55  ASP A CB  1 
ATOM   428 C CG  . ASP A 1 55 ? -12.304 2.959   6.455   1.00 12.99 ? 55  ASP A CG  1 
ATOM   429 O OD1 . ASP A 1 55 ? -12.800 3.936   7.056   1.00 17.20 ? 55  ASP A OD1 1 
ATOM   430 O OD2 . ASP A 1 55 ? -13.014 2.004   6.089   1.00 14.26 ? 55  ASP A OD2 1 
ATOM   431 N N   . ASN A 1 56 ? -10.870 -0.610  5.778   1.00 6.31  ? 56  ASN A N   1 
ATOM   432 C CA  . ASN A 1 56 ? -10.865 -1.846  6.557   1.00 5.85  ? 56  ASN A CA  1 
ATOM   433 C C   . ASN A 1 56 ? -9.522  -2.569  6.291   1.00 6.58  ? 56  ASN A C   1 
ATOM   434 O O   . ASN A 1 56 ? -9.231  -3.587  6.913   1.00 7.56  ? 56  ASN A O   1 
ATOM   435 C CB  . ASN A 1 56 ? -12.050 -2.762  6.208   1.00 7.15  ? 56  ASN A CB  1 
ATOM   436 C CG  . ASN A 1 56 ? -12.048 -3.236  4.773   1.00 8.28  ? 56  ASN A CG  1 
ATOM   437 O OD1 . ASN A 1 56 ? -11.915 -2.436  3.848   1.00 9.23  ? 56  ASN A OD1 1 
ATOM   438 N ND2 . ASN A 1 56 ? -12.214 -4.538  4.576   1.00 8.71  ? 56  ASN A ND2 1 
ATOM   439 N N   . VAL A 1 57 ? -8.706  -2.019  5.381   1.00 6.30  ? 57  VAL A N   1 
ATOM   440 C CA  . VAL A 1 57 ? -7.389  -2.582  5.038   1.00 6.53  ? 57  VAL A CA  1 
ATOM   441 C C   . VAL A 1 57 ? -6.345  -1.622  5.616   1.00 6.39  ? 57  VAL A C   1 
ATOM   442 O O   . VAL A 1 57 ? -6.448  -0.412  5.459   1.00 6.84  ? 57  VAL A O   1 
ATOM   443 C CB  . VAL A 1 57 ? -7.239  -2.713  3.520   1.00 6.93  ? 57  VAL A CB  1 
ATOM   444 C CG1 . VAL A 1 57 ? -5.907  -3.353  3.190   1.00 9.07  ? 57  VAL A CG1 1 
ATOM   445 C CG2 . VAL A 1 57 ? -8.400  -3.531  2.967   1.00 10.01 ? 57  VAL A CG2 1 
ATOM   446 N N   . PRO A 1 58 ? -5.275  -2.162  6.225   1.00 6.70  ? 58  PRO A N   1 
ATOM   447 C CA  . PRO A 1 58 ? -4.239  -1.321  6.809   1.00 6.92  ? 58  PRO A CA  1 
ATOM   448 C C   . PRO A 1 58 ? -3.378  -0.553  5.849   1.00 6.56  ? 58  PRO A C   1 
ATOM   449 O O   . PRO A 1 58 ? -3.180  -0.974  4.711   1.00 6.94  ? 58  PRO A O   1 
ATOM   450 C CB  . PRO A 1 58 ? -3.389  -2.304  7.623   1.00 8.74  ? 58  PRO A CB  1 
ATOM   451 C CG  . PRO A 1 58 ? -4.199  -3.547  7.711   1.00 9.79  ? 58  PRO A CG  1 
ATOM   452 C CD  . PRO A 1 58 ? -4.982  -3.586  6.444   1.00 8.52  ? 58  PRO A CD  1 
ATOM   453 N N   . ILE A 1 59 ? -2.874  0.581   6.326   1.00 6.60  ? 59  ILE A N   1 
ATOM   454 C CA  . ILE A 1 59 ? -1.916  1.375   5.572   1.00 6.85  ? 59  ILE A CA  1 
ATOM   455 C C   . ILE A 1 59 ? -0.722  1.590   6.485   1.00 5.72  ? 59  ILE A C   1 
ATOM   456 O O   . ILE A 1 59 ? -0.822  1.438   7.704   1.00 7.42  ? 59  ILE A O   1 
ATOM   457 C CB  . ILE A 1 59 ? -2.467  2.748   5.119   1.00 6.55  ? 59  ILE A CB  1 
ATOM   458 C CG1 . ILE A 1 59 ? -2.887  3.578   6.330   1.00 9.26  ? 59  ILE A CG1 1 
ATOM   459 C CG2 . ILE A 1 59 ? -3.616  2.540   4.151   1.00 7.89  ? 59  ILE A CG2 1 
ATOM   460 C CD1 . ILE A 1 59 ? -3.230  5.002   6.008   1.00 12.54 ? 59  ILE A CD1 1 
ATOM   461 N N   . ARG A 1 60 ? 0.403   1.968   5.896   1.00 6.59  ? 60  ARG A N   1 
ATOM   462 C CA  . ARG A 1 60 ? 1.600   2.232   6.676   1.00 5.88  ? 60  ARG A CA  1 
ATOM   463 C C   . ARG A 1 60 ? 1.416   3.551   7.383   1.00 6.47  ? 60  ARG A C   1 
ATOM   464 O O   . ARG A 1 60 ? 1.149   4.564   6.744   1.00 8.11  ? 60  ARG A O   1 
ATOM   465 C CB  . ARG A 1 60 ? 2.813   2.309   5.749   1.00 5.99  ? 60  ARG A CB  1 
ATOM   466 C CG  . ARG A 1 60 ? 4.149   2.552   6.443   1.00 6.98  ? 60  ARG A CG  1 
ATOM   467 C CD  . ARG A 1 60 ? 4.553   1.388   7.338   1.00 8.52  ? 60  ARG A CD  1 
ATOM   468 N NE  . ARG A 1 60 ? 5.999   1.333   7.573   1.00 7.70  ? 60  ARG A NE  1 
ATOM   469 C CZ  . ARG A 1 60 ? 6.668   2.111   8.421   1.00 9.07  ? 60  ARG A CZ  1 
ATOM   470 N NH1 . ARG A 1 60 ? 6.037   3.031   9.140   1.00 10.64 ? 60  ARG A NH1 1 
ATOM   471 N NH2 . ARG A 1 60 ? 7.975   1.953   8.558   1.00 11.38 ? 60  ARG A NH2 1 
ATOM   472 N N   . VAL A 1 61 ? 1.544   3.527   8.706   1.00 6.70  ? 61  VAL A N   1 
ATOM   473 C CA  . VAL A 1 61 ? 1.412   4.731   9.511   1.00 7.07  ? 61  VAL A CA  1 
ATOM   474 C C   . VAL A 1 61 ? 2.736   4.989   10.225  1.00 6.78  ? 61  VAL A C   1 
ATOM   475 O O   . VAL A 1 61 ? 3.610   4.130   10.265  1.00 7.16  ? 61  VAL A O   1 
ATOM   476 C CB  . VAL A 1 61 ? 0.279   4.584   10.564  1.00 7.78  ? 61  VAL A CB  1 
ATOM   477 C CG1 . VAL A 1 61 ? -1.053  4.328   9.869   1.00 9.82  ? 61  VAL A CG1 1 
ATOM   478 C CG2 . VAL A 1 61 ? 0.599   3.479   11.556  1.00 9.57  ? 61  VAL A CG2 1 
ATOM   479 N N   . PRO A 1 62 ? 2.917   6.202   10.767  1.00 6.71  ? 62  PRO A N   1 
ATOM   480 C CA  . PRO A 1 62 ? 4.169   6.525   11.461  1.00 6.95  ? 62  PRO A CA  1 
ATOM   481 C C   . PRO A 1 62 ? 4.457   5.509   12.555  1.00 7.36  ? 62  PRO A C   1 
ATOM   482 O O   . PRO A 1 62 ? 3.548   5.054   13.245  1.00 8.63  ? 62  PRO A O   1 
ATOM   483 C CB  . PRO A 1 62 ? 3.892   7.922   12.018  1.00 7.66  ? 62  PRO A CB  1 
ATOM   484 C CG  . PRO A 1 62 ? 2.969   8.516   11.014  1.00 8.71  ? 62  PRO A CG  1 
ATOM   485 C CD  . PRO A 1 62 ? 2.038   7.382   10.674  1.00 8.27  ? 62  PRO A CD  1 
ATOM   486 N N   . GLY A 1 63 ? 5.739   5.189   12.710  1.00 7.30  ? 63  GLY A N   1 
ATOM   487 C CA  . GLY A 1 63 ? 6.178   4.191   13.661  1.00 8.37  ? 63  GLY A CA  1 
ATOM   488 C C   . GLY A 1 63 ? 7.049   3.184   12.924  1.00 7.87  ? 63  GLY A C   1 
ATOM   489 O O   . GLY A 1 63 ? 7.558   3.456   11.834  1.00 9.74  ? 63  GLY A O   1 
ATOM   490 N N   . LYS A 1 64 ? 7.213   2.005   13.504  1.00 9.00  ? 64  LYS A N   1 
ATOM   491 C CA  . LYS A 1 64 ? 8.046   1.005   12.880  1.00 8.21  ? 64  LYS A CA  1 
ATOM   492 C C   . LYS A 1 64 ? 7.278   -0.184  12.358  1.00 7.51  ? 64  LYS A C   1 
ATOM   493 O O   . LYS A 1 64 ? 6.103   -0.391  12.672  1.00 8.30  ? 64  LYS A O   1 
ATOM   494 C CB  . LYS A 1 64 ? 9.082   0.484   13.894  1.00 9.26  ? 64  LYS A CB  1 
ATOM   495 C CG  . LYS A 1 64 ? 8.485   -0.317  15.042  1.00 9.81  ? 64  LYS A CG  1 
ATOM   496 C CD  . LYS A 1 64 ? 9.543   -0.733  16.064  1.00 12.75 ? 64  LYS A CD  1 
ATOM   497 C CE  . LYS A 1 64 ? 10.514  -1.751  15.510  1.00 13.84 ? 64  LYS A CE  1 
ATOM   498 N NZ  . LYS A 1 64 ? 11.530  -2.139  16.535  1.00 14.22 ? 64  LYS A NZ  1 
ATOM   499 N N   . CYS A 1 65 ? 7.966   -0.942  11.515  1.00 7.28  ? 65  CYS A N   1 
ATOM   500 C CA  . CYS A 1 65 ? 7.440   -2.190  10.988  1.00 7.29  ? 65  CYS A CA  1 
ATOM   501 C C   . CYS A 1 65 ? 7.814   -3.171  12.113  1.00 8.17  ? 65  CYS A C   1 
ATOM   502 O O   . CYS A 1 65 ? 8.989   -3.348  12.448  1.00 9.60  ? 65  CYS A O   1 
ATOM   503 C CB  . CYS A 1 65 ? 8.143   -2.527  9.683   1.00 8.44  ? 65  CYS A CB  1 
ATOM   504 S SG  . CYS A 1 65 ? 8.174   -4.287  9.195   1.00 8.59  ? 65  CYS A SG  1 
ATOM   505 N N   . HIS A 1 66 ? 6.794   -3.785  12.707  1.00 9.14  ? 66  HIS A N   1 
ATOM   506 C CA  . HIS A 1 66 ? 6.991   -4.693  13.832  1.00 11.29 ? 66  HIS A CA  1 
ATOM   507 C C   . HIS A 1 66 ? 6.363   -6.047  13.564  1.00 13.47 ? 66  HIS A C   1 
ATOM   508 O O   . HIS A 1 66 ? 6.842   -6.720  12.653  1.00 14.96 ? 66  HIS A O   1 
ATOM   509 C CB  . HIS A 1 66 ? 6.417   -4.081  15.120  1.00 12.01 ? 66  HIS A CB  1 
ATOM   510 C CG  . HIS A 1 66 ? 5.026   -3.544  14.977  1.00 12.01 ? 66  HIS A CG  1 
ATOM   511 N ND1 . HIS A 1 66 ? 4.758   -2.207  14.767  1.00 13.63 ? 66  HIS A ND1 1 
ATOM   512 C CD2 . HIS A 1 66 ? 3.823   -4.165  15.014  1.00 12.09 ? 66  HIS A CD2 1 
ATOM   513 C CE1 . HIS A 1 66 ? 3.451   -2.029  14.687  1.00 11.34 ? 66  HIS A CE1 1 
ATOM   514 N NE2 . HIS A 1 66 ? 2.862   -3.201  14.830  1.00 14.10 ? 66  HIS A NE2 1 
ATOM   515 O OXT . HIS A 1 66 ? 5.401   -6.434  14.248  1.00 15.79 ? 66  HIS A OXT 1 
HETATM 516 O O   . HOH B 2 .  ? 3.040   -1.197  0.501   1.00 7.37  ? 67  HOH A O   1 
HETATM 517 O O   . HOH B 2 .  ? 0.417   -0.392  -12.133 1.00 8.82  ? 68  HOH A O   1 
HETATM 518 O O   . HOH B 2 .  ? -0.659  -2.552  -13.575 1.00 10.71 ? 69  HOH A O   1 
HETATM 519 O O   . HOH B 2 .  ? 1.209   5.221   3.872   1.00 11.38 ? 70  HOH A O   1 
HETATM 520 O O   . HOH B 2 .  ? -10.053 -1.310  -10.001 1.00 15.17 ? 71  HOH A O   1 
HETATM 521 O O   . HOH B 2 .  ? -11.881 1.941   -3.864  1.00 13.88 ? 72  HOH A O   1 
HETATM 522 O O   . HOH B 2 .  ? -2.383  3.785   -9.904  1.00 13.48 ? 73  HOH A O   1 
HETATM 523 O O   . HOH B 2 .  ? -0.557  0.016   10.049  1.00 13.27 ? 74  HOH A O   1 
HETATM 524 O O   . HOH B 2 .  ? 0.039   -9.228  -6.502  1.00 14.41 ? 75  HOH A O   1 
HETATM 525 O O   . HOH B 2 .  ? -1.966  9.165   -4.662  1.00 14.53 ? 76  HOH A O   1 
HETATM 526 O O   . HOH B 2 .  ? 8.866   4.713   9.647   1.00 12.80 ? 77  HOH A O   1 
HETATM 527 O O   . HOH B 2 .  ? 10.527  0.106   10.410  1.00 13.67 ? 78  HOH A O   1 
HETATM 528 O O   . HOH B 2 .  ? 7.783   -0.802  6.364   1.00 15.94 ? 79  HOH A O   1 
HETATM 529 O O   . HOH B 2 .  ? -1.069  -2.721  10.642  1.00 16.61 ? 80  HOH A O   1 
HETATM 530 O O   . HOH B 2 .  ? -0.064  -10.192 -3.780  1.00 18.39 ? 81  HOH A O   1 
HETATM 531 O O   . HOH B 2 .  ? 5.814   1.456   15.910  1.00 20.52 ? 82  HOH A O   1 
HETATM 532 O O   . HOH B 2 .  ? -2.555  -6.248  4.056   1.00 19.42 ? 83  HOH A O   1 
HETATM 533 O O   . HOH B 2 .  ? -3.659  1.430   9.183   1.00 18.49 ? 84  HOH A O   1 
HETATM 534 O O   . HOH B 2 .  ? 13.766  -1.420  13.380  1.00 20.30 ? 85  HOH A O   1 
HETATM 535 O O   . HOH B 2 .  ? 7.307   2.628   -13.238 1.00 17.75 ? 86  HOH A O   1 
HETATM 536 O O   . HOH B 2 .  ? 10.536  -0.108  2.083   1.00 19.93 ? 87  HOH A O   1 
HETATM 537 O O   . HOH B 2 .  ? 6.829   -2.758  -13.487 1.00 17.61 ? 88  HOH A O   1 
HETATM 538 O O   . HOH B 2 .  ? -6.612  5.056   -10.345 1.00 21.43 ? 89  HOH A O   1 
HETATM 539 O O   . HOH B 2 .  ? -5.986  10.064  0.241   1.00 21.59 ? 90  HOH A O   1 
HETATM 540 O O   . HOH B 2 .  ? 0.093   7.040   6.942   1.00 21.13 ? 91  HOH A O   1 
HETATM 541 O O   . HOH B 2 .  ? 5.347   8.351   -0.641  1.00 20.13 ? 92  HOH A O   1 
HETATM 542 O O   . HOH B 2 .  ? -12.698 -0.948  -10.566 1.00 18.70 ? 93  HOH A O   1 
HETATM 543 O O   . HOH B 2 .  ? 10.596  -2.432  3.829   1.00 21.15 ? 94  HOH A O   1 
HETATM 544 O O   . HOH B 2 .  ? 2.376   8.242   7.134   1.00 23.39 ? 95  HOH A O   1 
HETATM 545 O O   . HOH B 2 .  ? 8.653   11.871  6.526   1.00 22.33 ? 96  HOH A O   1 
HETATM 546 O O   . HOH B 2 .  ? -11.091 -2.915  -6.952  1.00 25.09 ? 97  HOH A O   1 
HETATM 547 O O   . HOH B 2 .  ? 11.592  -1.896  11.810  1.00 24.42 ? 98  HOH A O   1 
HETATM 548 O O   . HOH B 2 .  ? 9.255   1.111   5.428   1.00 32.19 ? 99  HOH A O   1 
HETATM 549 O O   . HOH B 2 .  ? -3.954  -9.681  -0.738  1.00 24.06 ? 100 HOH A O   1 
HETATM 550 O O   . HOH B 2 .  ? 1.170   6.359   13.985  1.00 25.82 ? 101 HOH A O   1 
HETATM 551 O O   . HOH B 2 .  ? -11.453 -3.284  1.188   1.00 19.94 ? 102 HOH A O   1 
HETATM 552 O O   . HOH B 2 .  ? 3.167   -9.563  5.663   1.00 19.70 ? 103 HOH A O   1 
HETATM 553 O O   . HOH B 2 .  ? -8.386  8.477   -1.706  1.00 25.52 ? 104 HOH A O   1 
HETATM 554 O O   . HOH B 2 .  ? -8.964  -7.004  1.837   1.00 27.57 ? 105 HOH A O   1 
HETATM 555 O O   . HOH B 2 .  ? 2.471   -6.844  15.030  1.00 28.89 ? 106 HOH A O   1 
HETATM 556 O O   . HOH B 2 .  ? 8.389   -3.701  4.990   1.00 22.89 ? 107 HOH A O   1 
HETATM 557 O O   . HOH B 2 .  ? 5.977   -1.178  -15.310 1.00 25.13 ? 108 HOH A O   1 
HETATM 558 O O   . HOH B 2 .  ? 2.860   8.238   -4.037  1.00 27.78 ? 109 HOH A O   1 
HETATM 559 O O   . HOH B 2 .  ? -4.934  -11.941 -8.682  1.00 33.74 ? 110 HOH A O   1 
HETATM 560 O O   . HOH B 2 .  ? 6.481   -11.843 -12.653 1.00 36.31 ? 111 HOH A O   1 
HETATM 561 O O   . HOH B 2 .  ? 12.175  -3.822  -10.362 1.00 26.82 ? 112 HOH A O   1 
HETATM 562 O O   . HOH B 2 .  ? -0.313  -9.672  8.393   1.00 33.39 ? 113 HOH A O   1 
HETATM 563 O O   . HOH B 2 .  ? -0.486  -10.481 2.796   1.00 28.38 ? 114 HOH A O   1 
HETATM 564 O O   . HOH B 2 .  ? 0.007   -2.734  13.447  1.00 29.01 ? 115 HOH A O   1 
HETATM 565 O O   . HOH B 2 .  ? 2.816   2.998   15.050  1.00 26.66 ? 116 HOH A O   1 
HETATM 566 O O   . HOH B 2 .  ? -5.253  -8.464  -10.782 1.00 34.11 ? 117 HOH A O   1 
HETATM 567 O O   . HOH B 2 .  ? -0.957  8.825   2.427   1.00 30.41 ? 118 HOH A O   1 
HETATM 568 O O   . HOH B 2 .  ? -2.071  10.432  0.125   1.00 31.04 ? 119 HOH A O   1 
HETATM 569 O O   . HOH B 2 .  ? 13.443  0.503   -4.279  1.00 24.94 ? 120 HOH A O   1 
HETATM 570 O O   . HOH B 2 .  ? -7.311  9.576   -5.239  1.00 31.12 ? 121 HOH A O   1 
HETATM 571 O O   . HOH B 2 .  ? 7.319   8.274   -4.747  1.00 27.61 ? 122 HOH A O   1 
HETATM 572 O O   . HOH B 2 .  ? -7.021  -9.809  -12.353 1.00 39.80 ? 123 HOH A O   1 
HETATM 573 O O   . HOH B 2 .  ? 12.591  -3.192  -6.500  1.00 23.37 ? 124 HOH A O   1 
HETATM 574 O O   . HOH B 2 .  ? 5.418   -8.465  8.336   1.00 14.27 ? 125 HOH A O   1 
HETATM 575 O O   . HOH B 2 .  ? 5.052   8.215   -6.574  1.00 19.14 ? 126 HOH A O   1 
HETATM 576 O O   . HOH B 2 .  ? -0.966  -5.158  -13.851 1.00 24.59 ? 127 HOH A O   1 
HETATM 577 O O   . HOH B 2 .  ? 1.045   -10.551 -8.651  1.00 25.61 ? 128 HOH A O   1 
HETATM 578 O O   . HOH B 2 .  ? 1.802   0.327   14.579  1.00 26.80 ? 129 HOH A O   1 
HETATM 579 O O   . HOH B 2 .  ? 11.721  -1.210  7.876   1.00 31.00 ? 130 HOH A O   1 
HETATM 580 O O   . HOH B 2 .  ? 1.708   -11.126 -12.545 1.00 36.07 ? 131 HOH A O   1 
HETATM 581 O O   . HOH B 2 .  ? 1.954   7.920   3.307   1.00 32.77 ? 132 HOH A O   1 
HETATM 582 O O   . HOH B 2 .  ? -1.551  8.613   5.151   1.00 28.98 ? 133 HOH A O   1 
HETATM 583 O O   . HOH B 2 .  ? 14.635  -0.375  -1.440  1.00 44.85 ? 134 HOH A O   1 
HETATM 584 O O   . HOH B 2 .  ? -6.979  -7.906  -8.453  1.00 28.59 ? 135 HOH A O   1 
HETATM 585 O O   . HOH B 2 .  ? -1.737  7.839   9.148   1.00 29.37 ? 136 HOH A O   1 
HETATM 586 O O   . HOH B 2 .  ? 9.923   -2.622  6.314   1.00 43.87 ? 137 HOH A O   1 
HETATM 587 O O   . HOH B 2 .  ? -0.170  4.062   15.842  1.00 33.03 ? 138 HOH A O   1 
HETATM 588 O O   . HOH B 2 .  ? -1.188  -11.202 -10.363 1.00 34.42 ? 139 HOH A O   1 
HETATM 589 O O   . HOH B 2 .  ? 8.837   -11.662 -10.902 1.00 28.77 ? 140 HOH A O   1 
HETATM 590 O O   . HOH B 2 .  ? 14.841  -1.959  -5.886  1.00 38.01 ? 141 HOH A O   1 
HETATM 591 O O   . HOH B 2 .  ? -5.147  11.584  -2.585  1.00 31.71 ? 142 HOH A O   1 
HETATM 592 O O   . HOH B 2 .  ? -15.603 0.334   -9.412  1.00 38.52 ? 143 HOH A O   1 
HETATM 593 O O   . HOH B 2 .  ? 12.480  -4.860  -6.004  0.50 26.63 ? 144 HOH A O   1 
HETATM 594 O O   . HOH B 2 .  ? -6.610  6.003   7.423   1.00 40.53 ? 145 HOH A O   1 
HETATM 595 O O   . HOH B 2 .  ? 5.786   -8.962  15.599  1.00 38.89 ? 146 HOH A O   1 
HETATM 596 O O   . HOH B 2 .  ? 10.058  0.420   7.123   1.00 53.51 ? 147 HOH A O   1 
HETATM 597 O O   . HOH B 2 .  ? -7.131  -5.306  -11.290 1.00 40.20 ? 148 HOH A O   1 
HETATM 598 O O   . HOH B 2 .  ? -6.520  3.461   8.853   1.00 37.24 ? 149 HOH A O   1 
HETATM 599 O O   . HOH B 2 .  ? 8.590   -0.450  -15.085 1.00 42.85 ? 150 HOH A O   1 
HETATM 600 O O   . HOH B 2 .  ? -2.344  0.719   12.071  1.00 34.29 ? 151 HOH A O   1 
HETATM 601 O O   . HOH B 2 .  ? -1.126  11.508  -2.976  1.00 40.92 ? 152 HOH A O   1 
HETATM 602 O O   . HOH B 2 .  ? -11.004 -9.530  -4.314  1.00 39.09 ? 153 HOH A O   1 
HETATM 603 O O   . HOH B 2 .  ? 1.526   -9.081  -10.558 1.00 44.47 ? 154 HOH A O   1 
HETATM 604 O O   . HOH B 2 .  ? -5.807  13.091  1.073   1.00 37.83 ? 155 HOH A O   1 
HETATM 605 O O   . HOH B 2 .  ? -9.820  8.515   4.444   1.00 39.65 ? 156 HOH A O   1 
HETATM 606 O O   . HOH B 2 .  ? 5.980   -7.788  -0.913  0.50 10.54 ? 157 HOH A O   1 
HETATM 607 O O   . HOH B 2 .  ? 1.858   -10.553 -1.845  1.00 18.01 ? 158 HOH A O   1 
HETATM 608 O O   . HOH B 2 .  ? 3.498   9.685   1.514   1.00 32.33 ? 159 HOH A O   1 
HETATM 609 O O   . HOH B 2 .  ? -14.179 1.865   -10.274 1.00 41.34 ? 160 HOH A O   1 
HETATM 610 O O   . HOH B 2 .  ? 13.213  -3.554  14.718  1.00 45.98 ? 161 HOH A O   1 
HETATM 611 O O   . HOH B 2 .  ? -4.574  5.091   9.677   1.00 40.67 ? 162 HOH A O   1 
HETATM 612 O O   . HOH B 2 .  ? 7.297   2.249   -15.883 1.00 45.95 ? 163 HOH A O   1 
HETATM 613 O O   . HOH B 2 .  ? -2.856  -7.360  -11.007 1.00 39.54 ? 164 HOH A O   1 
HETATM 614 O O   . HOH B 2 .  ? 3.394   -6.212  4.236   1.00 20.15 ? 165 HOH A O   1 
HETATM 615 O O   . HOH B 2 .  ? -1.453  -10.391 13.182  1.00 28.79 ? 166 HOH A O   1 
HETATM 616 O O   . HOH B 2 .  ? -1.367  -9.109  -13.537 1.00 45.98 ? 167 HOH A O   1 
HETATM 617 O O   . HOH B 2 .  ? -0.637  -10.494 15.223  1.00 31.60 ? 168 HOH A O   1 
HETATM 618 O O   . HOH B 2 .  ? -13.149 4.135   -10.284 1.00 32.61 ? 169 HOH A O   1 
# 
